data_4UU1
#
_entry.id   4UU1
#
_cell.length_a   71.703
_cell.length_b   71.703
_cell.length_c   591.318
_cell.angle_alpha   90.00
_cell.angle_beta   90.00
_cell.angle_gamma   90.00
#
_symmetry.space_group_name_H-M   'P 41 21 2'
#
loop_
_entity.id
_entity.type
_entity.pdbx_description
1 polymer 'SARCOPLASMIC ENDOPLASMIC RETICULUM CALCIUM ATPASE'
2 non-polymer 'OCTANOIC ACID [3S-[3ALPHA, 3ABETA, 4ALPHA, 6BETA, 6ABETA, 7BETA, 8ALPHA(Z), 9BALPHA]]-6-(ACETYLOXY)-2,3,-3A,4,5,6,6A,7,8,9B-DECAHYDRO-3,3A-DIHYDROXY-3,6,9-TRIMETHYL-8-[(2-METHYL-1-OXO-2-BUTENYL)OX Y]-2-OXO-4-(1-OXOBUTOXY)-AZULENO[4,5-B]FURAN-7-YL ESTER'
3 non-polymer 1,2-DIOLEOYL-SN-GLYCERO-3-PHOSPHOCHOLINE
4 non-polymer GLYCEROL
5 non-polymer 'PHOSPHOMETHYLPHOSPHONIC ACID ADENYLATE ESTER'
6 non-polymer 'POTASSIUM ION'
7 non-polymer 'MAGNESIUM ION'
#
_entity_poly.entity_id   1
_entity_poly.type   'polypeptide(L)'
_entity_poly.pdbx_seq_one_letter_code
;(ACE)MEAAHSKSTEECLAYFGVSETTGLTPDQVKRHLEKYGHNELPAEEGKSLWELVIEQFEDLLVRILLLAACISFVL
AWFEEGEETITAFVEPFVILLILIANAIVGVWQERNAENAIEALKEYEPEMGKVYRADRKSVQRIKARDIVPGDIVEVAV
GDKVPADIRILSIKSTTLRVDQSILTGESVSVIKHTEPVPDPRAVNQDKKNMLFSGTNIAAGKALGIVATTGVSTEIGKI
RDQMAATEQDKTPLQQKLDEFGEQLSKVISLICVAVWLINIGHFNDPVHGGSWIRGAIYYFKIAVALAVAAIPEGLPAVI
TTCLALGTRRMAKKNAIVRSLPSVETLGCTSVICSDKTGTLTTNQMSVCKMFIIDKVDGDFCSLNEFSITGSTYAPEGEV
LKNDKPIRSGQFDGLVELATICALCNDSSLDFNETKGVYEKVGEATETALTTLVEKMNVFNTEVRNLSKVERANACNSVI
RQLMKKEFTLEFSRDRKSMSVYCSPAKSSRAAVGNKMFVKGAPEGVIDRCNYVRVGTTRVPMTGPVKEKILSVIKEWGTG
RDTLRCLALATRDTPPKREEMVLDDSSRFMEYETDLTFVGVVGMLDPPRKEVMGSIQLCRDAGIRVIMITGDNKGTAIAI
CRRIGIFGENEEVADRAYTGREFDDLPLAEQREACRRACCFARVEPSHKSKIVEYLQSYDEITAMTGDGVNDAPALKKAE
IGIAMGSGTAVAKTASEMVLADDNFSTIVAAVEEGRAIYNNMKQFIRYLISSNVGEVVCIFLTAALGLPEALIPVQLLWV
NLVTDGLPATALGFNPPDLDIMDRPPRSPKEPLISGWLFFRYMAIGGYVGAATVGAAAWWFMYAEDGPGVTYHQLTHFMQ
CTEDHPHFEGLDCEIFEAPEPMTMALSVLVTIEMCNALNSLSENQSLMRMPPWVNIWLLGSICLSMSLHFLILYVDPLPM
IFKLKALDLTQWLMVLKISLPVIGLDEILKFIARNYLEG
;
_entity_poly.pdbx_strand_id   A
#
loop_
_chem_comp.id
_chem_comp.type
_chem_comp.name
_chem_comp.formula
ACE non-polymer 'ACETYL GROUP' 'C2 H4 O'
ACP non-polymer 'PHOSPHOMETHYLPHOSPHONIC ACID ADENYLATE ESTER' 'C11 H18 N5 O12 P3'
GOL non-polymer GLYCEROL 'C3 H8 O3'
K non-polymer 'POTASSIUM ION' 'K 1'
MG non-polymer 'MAGNESIUM ION' 'Mg 2'
PCW non-polymer 1,2-DIOLEOYL-SN-GLYCERO-3-PHOSPHOCHOLINE 'C44 H85 N O8 P 1'
TG1 non-polymer 'OCTANOIC ACID [3S-[3ALPHA, 3ABETA, 4ALPHA, 6BETA, 6ABETA, 7BETA, 8ALPHA(Z), 9BALPHA]]-6-(ACETYLOXY)-2,3,-3A,4,5,6,6A,7,8,9B-DECAHYDRO-3,3A-DIHYDROXY-3,6,9-TRIMETHYL-8-[(2-METHYL-1-OXO-2-BUTENYL)OX Y]-2-OXO-4-(1-OXOBUTOXY)-AZULENO[4,5-B]FURAN-7-YL ESTER' 'C34 H50 O12'
#
# COMPACT_ATOMS: atom_id res chain seq x y z
C ACE A 1 23.14 -23.60 -12.76
O ACE A 1 23.86 -24.17 -11.94
CH3 ACE A 1 21.86 -24.17 -13.27
N MET A 2 23.44 -22.49 -13.39
CA MET A 2 24.69 -21.77 -13.22
C MET A 2 24.46 -20.38 -12.64
N GLU A 3 24.69 -20.25 -11.34
CA GLU A 3 24.47 -18.98 -10.64
C GLU A 3 25.27 -17.83 -11.25
N ALA A 4 26.58 -18.01 -11.38
CA ALA A 4 27.46 -16.88 -11.70
C ALA A 4 27.77 -16.76 -13.22
N ALA A 5 26.80 -17.11 -14.05
CA ALA A 5 27.02 -17.15 -15.50
C ALA A 5 27.49 -15.81 -16.07
N HIS A 6 27.08 -14.69 -15.48
CA HIS A 6 27.54 -13.37 -15.95
C HIS A 6 29.06 -13.15 -15.77
N SER A 7 29.63 -13.82 -14.75
CA SER A 7 31.03 -13.64 -14.45
C SER A 7 31.93 -14.64 -15.21
N LYS A 8 31.33 -15.45 -16.08
CA LYS A 8 32.08 -16.48 -16.82
C LYS A 8 32.12 -16.22 -18.33
N SER A 9 33.03 -16.87 -19.00
CA SER A 9 33.21 -16.60 -20.40
C SER A 9 32.16 -17.37 -21.18
N THR A 10 31.87 -16.93 -22.39
CA THR A 10 31.14 -17.73 -23.34
C THR A 10 31.58 -19.20 -23.33
N GLU A 11 32.90 -19.44 -23.36
CA GLU A 11 33.43 -20.79 -23.44
C GLU A 11 33.19 -21.53 -22.15
N GLU A 12 33.43 -20.87 -21.02
CA GLU A 12 33.27 -21.48 -19.71
C GLU A 12 31.85 -22.02 -19.50
N CYS A 13 30.85 -21.22 -19.81
CA CYS A 13 29.44 -21.66 -19.71
C CYS A 13 29.14 -22.85 -20.60
N LEU A 14 29.61 -22.79 -21.84
CA LEU A 14 29.51 -23.91 -22.76
C LEU A 14 30.16 -25.16 -22.18
N ALA A 15 31.25 -24.97 -21.46
CA ALA A 15 32.00 -26.10 -20.92
C ALA A 15 31.35 -26.59 -19.66
N TYR A 16 30.74 -25.67 -18.91
CA TYR A 16 30.12 -26.07 -17.66
C TYR A 16 29.05 -27.13 -17.93
N PHE A 17 28.14 -26.86 -18.84
CA PHE A 17 27.09 -27.82 -19.19
C PHE A 17 27.55 -28.83 -20.23
N GLY A 18 28.71 -28.60 -20.84
CA GLY A 18 29.19 -29.51 -21.85
C GLY A 18 28.25 -29.55 -23.03
N VAL A 19 27.90 -28.38 -23.56
CA VAL A 19 27.03 -28.28 -24.72
C VAL A 19 27.80 -27.53 -25.82
N SER A 20 27.49 -27.83 -27.09
CA SER A 20 28.09 -27.08 -28.21
C SER A 20 27.11 -26.03 -28.76
N GLU A 21 27.60 -24.80 -28.93
CA GLU A 21 26.76 -23.68 -29.37
C GLU A 21 26.15 -23.91 -30.74
N THR A 22 26.81 -24.68 -31.59
CA THR A 22 26.31 -24.80 -32.95
C THR A 22 25.39 -26.01 -33.07
N THR A 23 25.35 -26.85 -32.04
CA THR A 23 24.58 -28.10 -32.12
C THR A 23 23.41 -28.15 -31.15
N GLY A 24 23.61 -27.69 -29.93
CA GLY A 24 22.56 -27.76 -28.91
C GLY A 24 22.69 -28.97 -28.01
N LEU A 25 21.74 -29.12 -27.10
CA LEU A 25 21.73 -30.29 -26.22
C LEU A 25 21.19 -31.52 -26.91
N THR A 26 21.61 -32.67 -26.41
CA THR A 26 21.17 -33.95 -26.94
C THR A 26 19.93 -34.44 -26.19
N PRO A 27 19.06 -35.19 -26.86
CA PRO A 27 17.85 -35.72 -26.22
C PRO A 27 18.11 -36.33 -24.83
N ASP A 28 19.21 -37.10 -24.70
CA ASP A 28 19.65 -37.61 -23.42
C ASP A 28 19.97 -36.49 -22.41
N GLN A 29 20.71 -35.48 -22.85
CA GLN A 29 21.05 -34.36 -21.99
C GLN A 29 19.80 -33.60 -21.53
N VAL A 30 18.74 -33.64 -22.33
CA VAL A 30 17.50 -32.96 -21.97
C VAL A 30 16.74 -33.79 -20.93
N LYS A 31 16.72 -35.11 -21.12
CA LYS A 31 16.19 -36.00 -20.12
C LYS A 31 16.86 -35.69 -18.77
N ARG A 32 18.18 -35.85 -18.72
CA ARG A 32 18.98 -35.60 -17.52
C ARG A 32 18.83 -34.18 -16.93
N HIS A 33 18.77 -33.14 -17.75
CA HIS A 33 18.69 -31.76 -17.21
C HIS A 33 17.30 -31.42 -16.67
N LEU A 34 16.29 -32.11 -17.17
CA LEU A 34 14.92 -31.94 -16.69
C LEU A 34 14.74 -32.56 -15.29
N GLU A 35 15.32 -33.73 -15.04
CA GLU A 35 15.14 -34.33 -13.73
C GLU A 35 16.01 -33.64 -12.66
N LYS A 36 17.05 -32.94 -13.08
CA LYS A 36 17.94 -32.25 -12.13
C LYS A 36 17.39 -30.88 -11.79
N TYR A 37 16.95 -30.15 -12.81
CA TYR A 37 16.57 -28.78 -12.60
C TYR A 37 15.05 -28.57 -12.64
N GLY A 38 14.32 -29.59 -13.09
CA GLY A 38 12.87 -29.50 -13.20
C GLY A 38 12.44 -28.60 -14.34
N HIS A 39 11.14 -28.38 -14.46
CA HIS A 39 10.62 -27.58 -15.56
C HIS A 39 10.81 -26.11 -15.28
N ASN A 40 10.73 -25.33 -16.35
CA ASN A 40 10.98 -23.90 -16.29
C ASN A 40 9.72 -23.11 -15.98
N GLU A 41 9.27 -23.20 -14.75
CA GLU A 41 8.04 -22.53 -14.34
C GLU A 41 8.04 -22.31 -12.85
N LEU A 42 7.36 -21.24 -12.44
CA LEU A 42 6.99 -20.99 -11.04
C LEU A 42 5.93 -21.99 -10.58
N PRO A 43 6.07 -22.47 -9.33
CA PRO A 43 5.15 -23.48 -8.76
C PRO A 43 3.68 -23.19 -9.02
N ALA A 44 2.87 -24.23 -9.10
CA ALA A 44 1.42 -24.08 -9.26
C ALA A 44 0.89 -23.29 -8.09
N GLU A 45 -0.24 -22.61 -8.30
CA GLU A 45 -0.86 -21.80 -7.27
C GLU A 45 -1.23 -22.63 -6.03
N GLU A 46 -1.16 -21.99 -4.87
CA GLU A 46 -1.62 -22.60 -3.62
C GLU A 46 -3.13 -22.84 -3.67
N GLY A 47 -3.52 -24.10 -3.77
CA GLY A 47 -4.91 -24.45 -3.97
C GLY A 47 -5.87 -24.28 -2.80
N LYS A 48 -6.99 -23.60 -3.08
CA LYS A 48 -8.13 -23.49 -2.15
C LYS A 48 -9.43 -23.85 -2.90
N SER A 49 -10.47 -24.28 -2.18
CA SER A 49 -11.74 -24.61 -2.86
C SER A 49 -13.00 -24.29 -2.03
N LEU A 50 -14.15 -24.40 -2.68
CA LEU A 50 -15.46 -24.13 -2.07
C LEU A 50 -15.67 -24.87 -0.75
N TRP A 51 -15.56 -26.19 -0.79
CA TRP A 51 -15.63 -27.01 0.41
C TRP A 51 -14.63 -26.56 1.47
N GLU A 52 -13.50 -26.01 1.05
CA GLU A 52 -12.48 -25.55 1.99
C GLU A 52 -12.68 -24.08 2.31
N LEU A 53 -13.40 -23.38 1.45
CA LEU A 53 -13.67 -21.95 1.62
C LEU A 53 -14.81 -21.65 2.61
N VAL A 54 -15.90 -22.41 2.53
CA VAL A 54 -17.03 -22.22 3.44
C VAL A 54 -16.68 -22.63 4.86
N ILE A 55 -15.80 -23.61 4.99
CA ILE A 55 -15.29 -24.02 6.30
C ILE A 55 -14.45 -22.92 6.93
N GLU A 56 -13.65 -22.22 6.12
CA GLU A 56 -12.87 -21.08 6.59
C GLU A 56 -13.80 -20.02 7.19
N GLN A 57 -14.99 -19.89 6.61
CA GLN A 57 -16.00 -18.97 7.12
C GLN A 57 -16.44 -19.38 8.51
N PHE A 58 -16.27 -20.66 8.83
CA PHE A 58 -16.77 -21.24 10.08
C PHE A 58 -15.65 -21.69 11.02
N GLU A 59 -14.42 -21.22 10.78
CA GLU A 59 -13.33 -21.51 11.71
C GLU A 59 -13.06 -20.26 12.53
N ASP A 60 -13.96 -19.29 12.40
CA ASP A 60 -14.06 -18.19 13.36
C ASP A 60 -14.64 -18.77 14.64
N LEU A 61 -14.62 -18.02 15.73
CA LEU A 61 -15.05 -18.60 17.00
C LEU A 61 -16.45 -18.14 17.39
N LEU A 62 -16.71 -16.84 17.23
CA LEU A 62 -18.04 -16.32 17.43
C LEU A 62 -19.00 -17.05 16.51
N VAL A 63 -18.65 -17.16 15.24
CA VAL A 63 -19.55 -17.83 14.31
C VAL A 63 -19.68 -19.32 14.64
N ARG A 64 -18.66 -19.93 15.24
CA ARG A 64 -18.80 -21.33 15.65
C ARG A 64 -19.92 -21.41 16.71
N ILE A 65 -19.83 -20.55 17.71
CA ILE A 65 -20.80 -20.52 18.80
C ILE A 65 -22.22 -20.23 18.29
N LEU A 66 -22.36 -19.26 17.40
CA LEU A 66 -23.62 -19.06 16.70
C LEU A 66 -24.15 -20.36 16.11
N LEU A 67 -23.32 -21.05 15.33
CA LEU A 67 -23.75 -22.30 14.69
C LEU A 67 -24.34 -23.28 15.70
N LEU A 68 -23.71 -23.43 16.85
CA LEU A 68 -24.21 -24.30 17.91
C LEU A 68 -25.56 -23.81 18.45
N ALA A 69 -25.68 -22.50 18.60
CA ALA A 69 -26.90 -21.86 19.09
C ALA A 69 -28.10 -22.08 18.16
N ALA A 70 -27.83 -22.33 16.88
CA ALA A 70 -28.91 -22.58 15.94
C ALA A 70 -29.47 -23.98 16.17
N CYS A 71 -28.56 -24.94 16.38
CA CYS A 71 -28.92 -26.33 16.64
C CYS A 71 -29.86 -26.52 17.81
N ILE A 72 -29.47 -25.97 18.96
CA ILE A 72 -30.28 -26.07 20.16
C ILE A 72 -31.66 -25.45 19.86
N SER A 73 -31.66 -24.22 19.33
CA SER A 73 -32.89 -23.53 18.93
C SER A 73 -33.76 -24.41 18.05
N PHE A 74 -33.11 -25.12 17.13
CA PHE A 74 -33.75 -25.98 16.14
C PHE A 74 -34.37 -27.22 16.77
N VAL A 75 -33.72 -27.75 17.79
CA VAL A 75 -34.33 -28.82 18.58
C VAL A 75 -35.43 -28.27 19.49
N LEU A 76 -35.19 -27.08 20.05
CA LEU A 76 -36.17 -26.39 20.87
C LEU A 76 -37.47 -26.15 20.12
N ALA A 77 -37.32 -25.92 18.80
CA ALA A 77 -38.45 -25.72 17.89
C ALA A 77 -39.06 -27.05 17.54
N TRP A 78 -38.93 -28.01 18.44
CA TRP A 78 -39.42 -29.35 18.23
C TRP A 78 -39.85 -29.98 19.54
N PHE A 79 -40.26 -29.12 20.47
CA PHE A 79 -40.59 -29.57 21.82
C PHE A 79 -41.32 -28.51 22.61
N GLU A 80 -41.38 -27.28 22.12
CA GLU A 80 -42.03 -26.21 22.88
C GLU A 80 -43.48 -26.59 23.15
N GLU A 81 -44.28 -26.64 22.08
CA GLU A 81 -45.64 -27.15 22.15
C GLU A 81 -46.05 -27.75 20.81
N GLY A 82 -47.11 -28.55 20.84
CA GLY A 82 -47.69 -29.11 19.63
C GLY A 82 -48.38 -28.04 18.82
N GLU A 83 -49.06 -27.12 19.52
CA GLU A 83 -49.65 -25.95 18.90
C GLU A 83 -49.81 -24.79 19.88
N GLU A 84 -48.69 -24.13 20.17
CA GLU A 84 -48.72 -22.85 20.86
C GLU A 84 -48.26 -21.80 19.86
N THR A 85 -47.29 -22.19 19.04
CA THR A 85 -46.71 -21.32 18.02
C THR A 85 -46.03 -22.14 16.92
N ILE A 86 -46.43 -21.92 15.66
CA ILE A 86 -45.69 -22.45 14.51
C ILE A 86 -44.50 -21.52 14.25
N THR A 87 -44.53 -20.36 14.89
CA THR A 87 -43.38 -19.46 14.91
C THR A 87 -42.29 -19.99 15.84
N ALA A 88 -42.43 -21.23 16.28
CA ALA A 88 -41.38 -21.89 17.03
C ALA A 88 -40.15 -22.06 16.14
N PHE A 89 -40.42 -22.24 14.85
CA PHE A 89 -39.38 -22.52 13.85
C PHE A 89 -38.65 -21.30 13.33
N VAL A 90 -39.14 -20.11 13.66
CA VAL A 90 -38.57 -18.90 13.08
C VAL A 90 -37.18 -18.61 13.65
N GLU A 91 -36.92 -19.04 14.89
CA GLU A 91 -35.67 -18.74 15.56
C GLU A 91 -34.47 -19.38 14.85
N PRO A 92 -34.45 -20.72 14.68
CA PRO A 92 -33.21 -21.28 14.14
C PRO A 92 -32.95 -20.94 12.67
N PHE A 93 -34.01 -20.74 11.89
CA PHE A 93 -33.87 -20.52 10.45
C PHE A 93 -33.30 -19.14 10.14
N VAL A 94 -33.42 -18.21 11.07
CA VAL A 94 -32.89 -16.87 10.88
C VAL A 94 -31.40 -16.86 11.16
N ILE A 95 -31.01 -17.57 12.22
CA ILE A 95 -29.61 -17.66 12.60
C ILE A 95 -28.79 -18.26 11.46
N LEU A 96 -29.35 -19.26 10.79
CA LEU A 96 -28.68 -19.89 9.65
C LEU A 96 -28.45 -18.91 8.51
N LEU A 97 -29.46 -18.08 8.23
CA LEU A 97 -29.36 -17.06 7.19
C LEU A 97 -28.18 -16.15 7.47
N ILE A 98 -28.03 -15.79 8.74
CA ILE A 98 -26.99 -14.87 9.14
C ILE A 98 -25.63 -15.52 8.89
N LEU A 99 -25.58 -16.82 9.10
CA LEU A 99 -24.36 -17.58 8.86
C LEU A 99 -24.12 -17.75 7.37
N ILE A 100 -25.17 -18.14 6.65
CA ILE A 100 -25.08 -18.30 5.20
C ILE A 100 -24.72 -17.00 4.49
N ALA A 101 -25.44 -15.93 4.81
CA ALA A 101 -25.13 -14.62 4.26
C ALA A 101 -23.66 -14.32 4.50
N ASN A 102 -23.24 -14.51 5.75
CA ASN A 102 -21.85 -14.43 6.13
C ASN A 102 -20.97 -15.26 5.19
N ALA A 103 -21.27 -16.56 5.11
CA ALA A 103 -20.52 -17.49 4.25
C ALA A 103 -20.45 -17.06 2.78
N ILE A 104 -21.60 -16.68 2.22
CA ILE A 104 -21.68 -16.16 0.86
C ILE A 104 -20.72 -14.99 0.61
N VAL A 105 -20.74 -13.99 1.50
CA VAL A 105 -19.91 -12.80 1.32
C VAL A 105 -18.42 -13.12 1.38
N GLY A 106 -18.04 -13.95 2.33
CA GLY A 106 -16.67 -14.41 2.45
C GLY A 106 -16.09 -15.00 1.17
N VAL A 107 -16.95 -15.52 0.29
CA VAL A 107 -16.46 -16.14 -0.93
C VAL A 107 -16.63 -15.28 -2.20
N TRP A 108 -17.51 -14.29 -2.21
CA TRP A 108 -17.52 -13.39 -3.37
C TRP A 108 -16.48 -12.30 -3.13
N GLN A 109 -15.81 -12.39 -1.97
CA GLN A 109 -14.65 -11.58 -1.68
C GLN A 109 -13.38 -12.37 -2.02
N GLU A 110 -13.58 -13.60 -2.50
CA GLU A 110 -12.47 -14.45 -2.93
C GLU A 110 -12.46 -14.60 -4.44
N ARG A 111 -13.64 -14.82 -5.03
CA ARG A 111 -13.80 -14.92 -6.49
C ARG A 111 -13.35 -13.61 -7.16
N ASN A 112 -13.09 -12.57 -6.36
CA ASN A 112 -12.67 -11.28 -6.89
C ASN A 112 -11.19 -10.93 -6.59
N ALA A 113 -10.70 -11.33 -5.42
CA ALA A 113 -9.35 -10.94 -4.97
C ALA A 113 -8.24 -11.48 -5.86
N GLU A 114 -7.29 -10.61 -6.23
CA GLU A 114 -6.17 -11.00 -7.08
C GLU A 114 -5.00 -11.57 -6.26
N ASN A 115 -4.07 -12.25 -6.93
CA ASN A 115 -2.87 -12.75 -6.29
C ASN A 115 -1.63 -12.17 -6.97
N ALA A 116 -0.64 -11.76 -6.18
CA ALA A 116 0.56 -11.17 -6.76
C ALA A 116 1.54 -12.24 -7.24
N ILE A 117 1.57 -13.37 -6.54
CA ILE A 117 2.34 -14.53 -7.01
C ILE A 117 1.82 -14.98 -8.38
N GLU A 118 0.52 -14.80 -8.60
CA GLU A 118 -0.12 -15.16 -9.87
C GLU A 118 0.12 -14.08 -10.92
N ALA A 119 0.14 -12.82 -10.47
CA ALA A 119 0.38 -11.70 -11.38
C ALA A 119 1.77 -11.76 -12.00
N LEU A 120 2.67 -12.54 -11.41
CA LEU A 120 3.98 -12.81 -11.99
C LEU A 120 3.86 -13.63 -13.27
N LYS A 121 3.03 -14.66 -13.21
CA LYS A 121 2.81 -15.56 -14.35
C LYS A 121 2.52 -14.82 -15.66
N GLU A 122 1.96 -13.62 -15.57
CA GLU A 122 1.69 -12.83 -16.78
C GLU A 122 2.97 -12.63 -17.60
N TYR A 123 4.12 -12.64 -16.91
CA TYR A 123 5.42 -12.48 -17.56
C TYR A 123 6.09 -13.79 -17.96
N GLU A 124 5.39 -14.91 -17.83
CA GLU A 124 5.87 -16.16 -18.43
C GLU A 124 5.30 -16.27 -19.84
N PRO A 125 6.17 -16.29 -20.86
CA PRO A 125 5.67 -16.48 -22.23
C PRO A 125 5.23 -17.91 -22.45
N GLU A 126 4.30 -18.15 -23.38
CA GLU A 126 3.86 -19.49 -23.63
C GLU A 126 5.03 -20.28 -24.21
N MET A 127 5.62 -19.72 -25.27
CA MET A 127 6.60 -20.45 -26.06
C MET A 127 8.02 -19.88 -25.96
N GLY A 128 8.97 -20.64 -26.50
CA GLY A 128 10.36 -20.24 -26.64
C GLY A 128 11.01 -20.93 -27.85
N LYS A 129 12.23 -20.54 -28.21
CA LYS A 129 12.93 -21.15 -29.35
C LYS A 129 14.29 -21.75 -28.95
N VAL A 130 14.54 -23.00 -29.33
CA VAL A 130 15.81 -23.63 -28.98
C VAL A 130 16.46 -24.31 -30.18
N TYR A 131 17.78 -24.45 -30.14
CA TYR A 131 18.46 -25.38 -31.04
C TYR A 131 18.86 -26.59 -30.21
N ARG A 132 18.74 -27.76 -30.81
CA ARG A 132 19.15 -29.01 -30.18
C ARG A 132 19.69 -29.95 -31.24
N ALA A 133 20.21 -31.09 -30.81
CA ALA A 133 20.99 -31.96 -31.68
C ALA A 133 20.14 -32.82 -32.61
N ASP A 134 18.82 -32.73 -32.51
CA ASP A 134 17.95 -33.50 -33.39
C ASP A 134 17.80 -32.81 -34.75
N ARG A 135 17.88 -31.48 -34.75
CA ARG A 135 17.61 -30.71 -35.95
C ARG A 135 18.60 -29.58 -36.16
N LYS A 136 18.96 -29.33 -37.42
CA LYS A 136 19.83 -28.21 -37.77
C LYS A 136 19.14 -26.89 -37.41
N SER A 137 17.88 -26.77 -37.81
CA SER A 137 17.12 -25.53 -37.65
C SER A 137 16.43 -25.42 -36.32
N VAL A 138 15.99 -24.20 -35.99
CA VAL A 138 15.40 -23.89 -34.69
C VAL A 138 13.99 -24.48 -34.54
N GLN A 139 13.64 -24.83 -33.31
CA GLN A 139 12.31 -25.37 -33.01
C GLN A 139 11.60 -24.60 -31.89
N ARG A 140 10.36 -24.23 -32.14
CA ARG A 140 9.54 -23.49 -31.18
C ARG A 140 8.92 -24.49 -30.20
N ILE A 141 9.19 -24.32 -28.91
CA ILE A 141 8.64 -25.23 -27.91
C ILE A 141 8.05 -24.50 -26.70
N LYS A 142 7.38 -25.25 -25.82
CA LYS A 142 6.76 -24.68 -24.64
C LYS A 142 7.85 -24.14 -23.71
N ALA A 143 7.74 -22.89 -23.29
CA ALA A 143 8.73 -22.34 -22.36
C ALA A 143 8.80 -23.20 -21.11
N ARG A 144 7.72 -23.90 -20.81
CA ARG A 144 7.70 -24.85 -19.72
C ARG A 144 8.85 -25.88 -19.84
N ASP A 145 9.15 -26.30 -21.07
CA ASP A 145 10.04 -27.45 -21.29
C ASP A 145 11.52 -27.06 -21.51
N ILE A 146 11.83 -25.77 -21.37
CA ILE A 146 13.21 -25.29 -21.52
C ILE A 146 14.05 -25.62 -20.29
N VAL A 147 15.35 -25.83 -20.49
CA VAL A 147 16.20 -26.38 -19.45
C VAL A 147 17.54 -25.63 -19.33
N PRO A 148 18.18 -25.62 -18.14
CA PRO A 148 19.51 -24.99 -18.02
C PRO A 148 20.56 -25.70 -18.89
N GLY A 149 21.30 -24.96 -19.73
CA GLY A 149 22.24 -25.57 -20.66
C GLY A 149 21.74 -25.55 -22.10
N ASP A 150 20.48 -25.16 -22.28
CA ASP A 150 19.91 -25.05 -23.62
C ASP A 150 20.47 -23.87 -24.41
N ILE A 151 20.59 -24.09 -25.71
CA ILE A 151 20.96 -23.05 -26.63
C ILE A 151 19.64 -22.41 -27.04
N VAL A 152 19.48 -21.13 -26.73
CA VAL A 152 18.24 -20.42 -26.99
C VAL A 152 18.39 -19.28 -27.98
N GLU A 153 17.36 -19.07 -28.80
CA GLU A 153 17.31 -17.94 -29.69
C GLU A 153 16.16 -16.99 -29.35
N VAL A 154 16.40 -15.68 -29.47
CA VAL A 154 15.42 -14.63 -29.23
C VAL A 154 15.53 -13.54 -30.29
N ALA A 155 14.50 -12.71 -30.43
CA ALA A 155 14.52 -11.59 -31.37
C ALA A 155 13.44 -10.58 -30.98
N VAL A 156 13.40 -9.42 -31.64
CA VAL A 156 12.39 -8.39 -31.39
C VAL A 156 10.99 -8.92 -31.04
N GLY A 157 10.46 -8.48 -29.90
CA GLY A 157 9.11 -8.79 -29.49
C GLY A 157 8.92 -10.05 -28.68
N ASP A 158 9.97 -10.86 -28.57
CA ASP A 158 9.91 -12.09 -27.81
C ASP A 158 9.90 -11.74 -26.35
N LYS A 159 9.18 -12.51 -25.53
CA LYS A 159 9.32 -12.40 -24.08
C LYS A 159 10.43 -13.38 -23.76
N VAL A 160 11.32 -13.01 -22.85
CA VAL A 160 12.46 -13.86 -22.53
C VAL A 160 12.02 -14.99 -21.61
N PRO A 161 12.21 -16.24 -22.05
CA PRO A 161 11.73 -17.46 -21.39
C PRO A 161 12.49 -17.89 -20.12
N ALA A 162 13.82 -17.99 -20.16
CA ALA A 162 14.59 -18.25 -18.92
C ALA A 162 15.61 -17.15 -18.68
N ASP A 163 16.46 -17.34 -17.68
CA ASP A 163 17.60 -16.45 -17.45
C ASP A 163 18.79 -16.94 -18.32
N ILE A 164 19.16 -16.12 -19.31
CA ILE A 164 20.06 -16.54 -20.38
C ILE A 164 21.40 -15.77 -20.45
N ARG A 165 22.51 -16.49 -20.55
CA ARG A 165 23.84 -15.92 -20.87
C ARG A 165 23.96 -15.77 -22.36
N ILE A 166 24.14 -14.53 -22.84
CA ILE A 166 24.28 -14.26 -24.28
C ILE A 166 25.59 -14.82 -24.85
N LEU A 167 25.50 -15.56 -25.94
CA LEU A 167 26.70 -16.15 -26.54
C LEU A 167 27.24 -15.33 -27.73
N SER A 168 26.33 -14.90 -28.58
CA SER A 168 26.69 -14.20 -29.79
C SER A 168 25.51 -13.36 -30.27
N ILE A 169 25.77 -12.12 -30.64
CA ILE A 169 24.72 -11.26 -31.13
C ILE A 169 24.78 -11.23 -32.64
N LYS A 170 23.82 -11.91 -33.25
CA LYS A 170 23.68 -12.06 -34.68
C LYS A 170 23.46 -10.75 -35.37
N SER A 171 22.73 -9.86 -34.71
CA SER A 171 22.38 -8.56 -35.29
C SER A 171 23.45 -7.53 -34.94
N THR A 172 23.29 -6.29 -35.42
CA THR A 172 24.39 -5.34 -35.31
C THR A 172 24.42 -4.76 -33.93
N THR A 173 23.30 -4.88 -33.24
CA THR A 173 23.20 -4.48 -31.85
C THR A 173 22.07 -5.26 -31.18
N LEU A 174 22.00 -5.19 -29.87
CA LEU A 174 20.93 -5.87 -29.11
C LEU A 174 20.46 -5.07 -27.92
N ARG A 175 19.27 -4.48 -28.04
CA ARG A 175 18.65 -3.70 -26.98
C ARG A 175 17.52 -4.49 -26.28
N VAL A 176 17.40 -4.32 -24.96
CA VAL A 176 16.39 -5.02 -24.17
C VAL A 176 15.56 -4.11 -23.24
N ASP A 177 14.24 -4.29 -23.27
CA ASP A 177 13.32 -3.67 -22.30
C ASP A 177 13.33 -4.47 -21.04
N GLN A 178 13.96 -3.96 -19.99
CA GLN A 178 13.90 -4.70 -18.76
C GLN A 178 13.35 -3.81 -17.67
N SER A 179 12.24 -3.13 -18.01
CA SER A 179 11.57 -2.19 -17.13
C SER A 179 10.56 -2.90 -16.25
N ILE A 180 10.19 -4.11 -16.64
CA ILE A 180 9.34 -4.96 -15.84
C ILE A 180 10.01 -5.21 -14.48
N LEU A 181 11.34 -5.13 -14.43
CA LEU A 181 12.04 -5.25 -13.16
C LEU A 181 11.97 -3.94 -12.40
N THR A 182 12.50 -2.87 -12.99
CA THR A 182 12.74 -1.65 -12.23
C THR A 182 11.70 -0.53 -12.44
N GLY A 183 11.33 -0.28 -13.70
CA GLY A 183 10.38 0.79 -14.01
C GLY A 183 10.81 1.71 -15.16
N GLU A 184 12.08 2.10 -15.18
CA GLU A 184 12.60 2.99 -16.24
C GLU A 184 12.68 2.25 -17.58
N SER A 185 12.08 2.84 -18.61
CA SER A 185 11.76 2.09 -19.81
C SER A 185 12.82 2.16 -20.91
N VAL A 186 13.82 3.03 -20.75
CA VAL A 186 14.88 3.12 -21.75
C VAL A 186 15.55 1.75 -21.92
N SER A 187 15.46 1.19 -23.13
CA SER A 187 16.09 -0.09 -23.42
C SER A 187 17.60 0.03 -23.28
N VAL A 188 18.28 -1.09 -23.08
CA VAL A 188 19.70 -1.05 -22.74
C VAL A 188 20.52 -1.98 -23.61
N ILE A 189 21.76 -1.59 -23.91
CA ILE A 189 22.57 -2.37 -24.82
C ILE A 189 23.13 -3.57 -24.05
N LYS A 190 23.30 -4.68 -24.76
CA LYS A 190 23.80 -5.93 -24.20
C LYS A 190 25.07 -6.34 -24.92
N HIS A 191 25.97 -7.03 -24.23
CA HIS A 191 27.24 -7.41 -24.81
C HIS A 191 27.60 -8.85 -24.55
N THR A 192 28.78 -9.28 -24.93
CA THR A 192 29.07 -10.70 -24.83
C THR A 192 30.15 -11.01 -23.80
N GLU A 193 31.05 -10.06 -23.56
CA GLU A 193 32.21 -10.31 -22.72
C GLU A 193 31.76 -10.49 -21.29
N PRO A 194 32.56 -11.21 -20.48
CA PRO A 194 32.21 -11.39 -19.07
C PRO A 194 32.19 -10.12 -18.25
N VAL A 195 31.41 -10.15 -17.18
CA VAL A 195 31.40 -9.10 -16.16
C VAL A 195 32.20 -9.60 -14.96
N PRO A 196 33.41 -9.05 -14.69
CA PRO A 196 34.33 -9.66 -13.70
C PRO A 196 33.77 -9.87 -12.28
N ASP A 197 33.07 -8.88 -11.72
CA ASP A 197 32.54 -8.96 -10.34
C ASP A 197 31.55 -10.12 -10.20
N PRO A 198 31.83 -11.07 -9.30
CA PRO A 198 30.91 -12.21 -9.20
C PRO A 198 29.69 -11.88 -8.33
N ARG A 199 29.77 -10.77 -7.59
CA ARG A 199 28.68 -10.29 -6.75
C ARG A 199 28.05 -9.04 -7.39
N ALA A 200 28.01 -9.02 -8.71
CA ALA A 200 27.43 -7.90 -9.47
C ALA A 200 25.90 -7.81 -9.39
N VAL A 201 25.41 -6.59 -9.19
CA VAL A 201 23.99 -6.31 -9.28
C VAL A 201 23.47 -6.40 -10.71
N ASN A 202 22.18 -6.71 -10.88
CA ASN A 202 21.62 -7.01 -12.20
C ASN A 202 21.76 -5.91 -13.24
N GLN A 203 21.72 -4.65 -12.81
CA GLN A 203 21.86 -3.55 -13.75
C GLN A 203 23.21 -3.61 -14.50
N ASP A 204 24.21 -4.23 -13.85
CA ASP A 204 25.58 -4.26 -14.38
C ASP A 204 25.87 -5.54 -15.16
N LYS A 205 24.94 -6.48 -15.11
CA LYS A 205 25.04 -7.72 -15.86
C LYS A 205 24.73 -7.47 -17.32
N LYS A 206 25.64 -6.79 -18.00
CA LYS A 206 25.44 -6.33 -19.38
C LYS A 206 25.34 -7.48 -20.39
N ASN A 207 25.65 -8.71 -19.96
CA ASN A 207 25.68 -9.85 -20.89
C ASN A 207 24.62 -10.88 -20.57
N MET A 208 23.75 -10.56 -19.63
CA MET A 208 22.64 -11.44 -19.28
C MET A 208 21.29 -10.97 -19.84
N LEU A 209 20.45 -11.94 -20.24
CA LEU A 209 19.01 -11.69 -20.49
C LEU A 209 18.14 -12.36 -19.42
N PHE A 210 17.26 -11.57 -18.80
CA PHE A 210 16.40 -12.06 -17.72
C PHE A 210 14.99 -12.51 -18.16
N SER A 211 14.60 -13.73 -17.77
CA SER A 211 13.22 -14.22 -17.91
C SER A 211 12.16 -13.15 -17.55
N GLY A 212 11.24 -12.85 -18.48
CA GLY A 212 10.17 -11.90 -18.22
C GLY A 212 10.33 -10.54 -18.87
N THR A 213 11.54 -10.28 -19.32
CA THR A 213 11.88 -9.07 -20.04
C THR A 213 11.62 -9.26 -21.53
N ASN A 214 11.67 -8.17 -22.28
CA ASN A 214 11.31 -8.20 -23.70
C ASN A 214 12.48 -7.74 -24.57
N ILE A 215 12.63 -8.33 -25.76
CA ILE A 215 13.65 -7.83 -26.69
C ILE A 215 13.09 -6.71 -27.54
N ALA A 216 13.76 -5.56 -27.47
CA ALA A 216 13.32 -4.33 -28.14
C ALA A 216 13.85 -4.20 -29.57
N ALA A 217 15.08 -4.69 -29.77
CA ALA A 217 15.76 -4.68 -31.05
C ALA A 217 16.83 -5.77 -31.05
N GLY A 218 16.90 -6.56 -32.12
CA GLY A 218 18.00 -7.50 -32.24
C GLY A 218 17.64 -8.95 -32.40
N LYS A 219 18.67 -9.78 -32.39
CA LYS A 219 18.56 -11.23 -32.47
C LYS A 219 19.82 -11.79 -31.87
N ALA A 220 19.67 -12.73 -30.94
CA ALA A 220 20.80 -13.23 -30.19
C ALA A 220 20.65 -14.69 -29.88
N LEU A 221 21.78 -15.39 -29.84
CA LEU A 221 21.83 -16.77 -29.45
C LEU A 221 22.41 -16.69 -28.08
N GLY A 222 21.98 -17.58 -27.17
CA GLY A 222 22.43 -17.56 -25.79
C GLY A 222 22.34 -18.94 -25.20
N ILE A 223 22.87 -19.12 -23.99
CA ILE A 223 22.76 -20.40 -23.30
C ILE A 223 22.04 -20.15 -22.00
N VAL A 224 21.18 -21.08 -21.61
CA VAL A 224 20.32 -20.89 -20.47
C VAL A 224 21.07 -21.17 -19.17
N ALA A 225 21.13 -20.17 -18.30
CA ALA A 225 21.84 -20.28 -17.04
C ALA A 225 20.99 -20.92 -15.95
N THR A 226 19.78 -20.39 -15.74
CA THR A 226 18.86 -20.86 -14.69
C THR A 226 17.42 -20.86 -15.15
N THR A 227 16.59 -21.77 -14.64
CA THR A 227 15.18 -21.74 -15.00
C THR A 227 14.28 -21.70 -13.76
N GLY A 228 12.97 -21.69 -14.00
CA GLY A 228 11.96 -21.74 -12.96
C GLY A 228 12.15 -20.78 -11.83
N VAL A 229 12.31 -21.34 -10.63
CA VAL A 229 12.32 -20.60 -9.38
C VAL A 229 13.69 -20.01 -9.09
N SER A 230 14.66 -20.37 -9.92
CA SER A 230 16.05 -19.98 -9.73
C SER A 230 16.45 -18.81 -10.63
N THR A 231 15.47 -18.22 -11.31
CA THR A 231 15.68 -17.03 -12.10
C THR A 231 15.65 -15.83 -11.18
N GLU A 232 15.67 -14.62 -11.74
CA GLU A 232 15.59 -13.43 -10.94
C GLU A 232 14.16 -13.10 -10.53
N ILE A 233 13.22 -13.29 -11.45
CA ILE A 233 11.81 -13.14 -11.15
C ILE A 233 11.38 -14.34 -10.30
N GLY A 234 12.08 -15.45 -10.47
CA GLY A 234 11.82 -16.61 -9.65
C GLY A 234 12.27 -16.39 -8.22
N LYS A 235 13.41 -15.75 -8.04
CA LYS A 235 13.92 -15.54 -6.71
C LYS A 235 13.07 -14.51 -5.99
N ILE A 236 12.27 -13.77 -6.74
CA ILE A 236 11.29 -12.87 -6.13
C ILE A 236 9.97 -13.58 -5.74
N ARG A 237 9.48 -14.49 -6.59
CA ARG A 237 8.31 -15.29 -6.24
C ARG A 237 8.47 -15.94 -4.88
N ASP A 238 9.68 -16.41 -4.59
CA ASP A 238 9.89 -17.12 -3.34
C ASP A 238 10.02 -16.20 -2.14
N GLN A 239 10.53 -15.00 -2.36
CA GLN A 239 10.55 -14.01 -1.28
C GLN A 239 9.15 -13.55 -0.94
N MET A 240 8.30 -13.54 -1.95
CA MET A 240 6.93 -13.11 -1.82
C MET A 240 6.06 -14.20 -1.19
N ALA A 241 6.28 -15.46 -1.58
CA ALA A 241 5.55 -16.56 -0.99
C ALA A 241 5.86 -16.66 0.50
N ALA A 242 7.15 -16.66 0.80
CA ALA A 242 7.68 -16.86 2.14
C ALA A 242 7.42 -15.71 3.12
N THR A 243 6.82 -14.62 2.67
CA THR A 243 6.63 -13.50 3.56
C THR A 243 5.20 -13.52 4.06
N GLU A 244 5.05 -13.51 5.37
CA GLU A 244 3.73 -13.68 5.99
C GLU A 244 3.23 -12.38 6.60
N GLN A 245 2.05 -11.94 6.18
CA GLN A 245 1.48 -10.71 6.71
C GLN A 245 0.74 -10.91 8.03
N ASP A 246 1.16 -10.15 9.04
CA ASP A 246 0.47 -10.13 10.32
C ASP A 246 -0.97 -9.65 10.15
N LYS A 247 -1.82 -9.95 11.12
CA LYS A 247 -3.17 -9.40 11.14
C LYS A 247 -3.15 -7.93 11.58
N THR A 248 -4.12 -7.17 11.08
CA THR A 248 -4.29 -5.77 11.47
C THR A 248 -4.64 -5.72 12.97
N PRO A 249 -4.28 -4.62 13.65
CA PRO A 249 -4.44 -4.62 15.11
C PRO A 249 -5.90 -4.71 15.54
N LEU A 250 -6.81 -4.41 14.61
CA LEU A 250 -8.23 -4.52 14.87
C LEU A 250 -8.69 -5.97 14.79
N GLN A 251 -8.32 -6.67 13.72
CA GLN A 251 -8.56 -8.11 13.65
C GLN A 251 -7.94 -8.75 14.87
N GLN A 252 -6.77 -8.26 15.25
CA GLN A 252 -6.05 -8.81 16.40
C GLN A 252 -6.88 -8.60 17.65
N LYS A 253 -7.46 -7.42 17.78
CA LYS A 253 -8.33 -7.11 18.94
C LYS A 253 -9.67 -7.88 18.89
N LEU A 254 -10.29 -7.93 17.71
CA LEU A 254 -11.53 -8.67 17.53
C LEU A 254 -11.37 -10.15 17.81
N ASP A 255 -10.27 -10.74 17.36
CA ASP A 255 -9.92 -12.10 17.72
C ASP A 255 -9.80 -12.27 19.23
N GLU A 256 -9.19 -11.29 19.90
CA GLU A 256 -8.97 -11.43 21.34
C GLU A 256 -10.31 -11.27 22.06
N PHE A 257 -11.22 -10.50 21.45
CA PHE A 257 -12.57 -10.30 21.97
C PHE A 257 -13.35 -11.62 22.00
N GLY A 258 -13.51 -12.24 20.84
CA GLY A 258 -14.14 -13.54 20.75
C GLY A 258 -13.53 -14.60 21.64
N GLU A 259 -12.24 -14.48 21.94
CA GLU A 259 -11.59 -15.46 22.78
C GLU A 259 -12.05 -15.28 24.21
N GLN A 260 -12.14 -14.04 24.66
CA GLN A 260 -12.59 -13.76 26.03
C GLN A 260 -14.09 -13.88 26.17
N LEU A 261 -14.82 -13.48 25.14
CA LEU A 261 -16.27 -13.61 25.13
C LEU A 261 -16.68 -15.07 25.37
N SER A 262 -15.95 -15.98 24.75
CA SER A 262 -16.27 -17.38 24.89
C SER A 262 -16.09 -17.90 26.32
N LYS A 263 -15.05 -17.45 27.02
CA LYS A 263 -14.82 -17.85 28.40
C LYS A 263 -15.79 -17.18 29.37
N VAL A 264 -16.30 -16.00 29.00
CA VAL A 264 -17.28 -15.28 29.83
C VAL A 264 -18.61 -16.02 29.89
N ILE A 265 -19.16 -16.26 28.71
CA ILE A 265 -20.35 -17.09 28.55
C ILE A 265 -20.31 -18.35 29.42
N SER A 266 -19.17 -19.02 29.44
CA SER A 266 -19.00 -20.21 30.26
C SER A 266 -19.10 -19.92 31.75
N LEU A 267 -18.50 -18.82 32.19
CA LEU A 267 -18.61 -18.43 33.60
C LEU A 267 -20.07 -18.21 33.95
N ILE A 268 -20.80 -17.56 33.06
CA ILE A 268 -22.21 -17.24 33.29
C ILE A 268 -23.06 -18.50 33.39
N CYS A 269 -22.73 -19.51 32.59
CA CYS A 269 -23.46 -20.78 32.64
C CYS A 269 -23.26 -21.51 33.96
N VAL A 270 -22.00 -21.63 34.36
CA VAL A 270 -21.65 -22.14 35.67
C VAL A 270 -22.39 -21.38 36.78
N ALA A 271 -22.33 -20.05 36.71
CA ALA A 271 -23.01 -19.20 37.69
C ALA A 271 -24.51 -19.50 37.74
N VAL A 272 -25.14 -19.49 36.57
CA VAL A 272 -26.57 -19.75 36.44
C VAL A 272 -26.92 -21.07 37.09
N TRP A 273 -26.04 -22.05 36.87
CA TRP A 273 -26.20 -23.36 37.45
C TRP A 273 -26.06 -23.35 38.98
N LEU A 274 -25.05 -22.65 39.48
CA LEU A 274 -24.82 -22.57 40.93
C LEU A 274 -25.93 -21.86 41.70
N ILE A 275 -26.50 -20.82 41.10
CA ILE A 275 -27.58 -20.08 41.74
C ILE A 275 -28.85 -20.94 41.76
N ASN A 276 -28.95 -21.84 40.79
CA ASN A 276 -30.06 -22.77 40.73
C ASN A 276 -29.61 -24.16 41.19
N ILE A 277 -28.76 -24.17 42.21
CA ILE A 277 -28.27 -25.43 42.78
C ILE A 277 -29.21 -25.87 43.89
N GLY A 278 -30.10 -24.96 44.28
CA GLY A 278 -31.16 -25.31 45.20
C GLY A 278 -32.14 -26.21 44.49
N HIS A 279 -32.22 -26.10 43.16
CA HIS A 279 -33.07 -26.94 42.33
C HIS A 279 -32.79 -28.42 42.58
N PHE A 280 -31.58 -28.73 43.07
CA PHE A 280 -31.24 -30.11 43.45
C PHE A 280 -31.99 -30.48 44.73
N ASN A 281 -32.34 -29.48 45.54
CA ASN A 281 -33.10 -29.74 46.74
C ASN A 281 -34.61 -29.82 46.47
N ASP A 282 -35.02 -29.67 45.20
CA ASP A 282 -36.42 -29.88 44.82
C ASP A 282 -36.80 -31.34 45.02
N PRO A 283 -38.09 -31.64 45.20
CA PRO A 283 -38.53 -33.03 45.29
C PRO A 283 -38.33 -33.77 43.97
N VAL A 284 -38.14 -35.09 44.03
CA VAL A 284 -37.81 -35.87 42.84
C VAL A 284 -39.00 -36.09 41.89
N HIS A 285 -40.16 -36.46 42.45
CA HIS A 285 -41.35 -36.74 41.64
C HIS A 285 -42.01 -35.44 41.16
N GLY A 286 -42.30 -35.38 39.86
CA GLY A 286 -43.03 -34.26 39.31
C GLY A 286 -42.21 -33.22 38.56
N GLY A 287 -42.70 -31.98 38.60
CA GLY A 287 -42.13 -30.91 37.82
C GLY A 287 -42.21 -31.24 36.34
N SER A 288 -41.16 -30.88 35.62
CA SER A 288 -41.04 -31.27 34.22
C SER A 288 -39.59 -31.05 33.82
N TRP A 289 -38.83 -32.14 33.81
CA TRP A 289 -37.45 -32.08 33.39
C TRP A 289 -37.40 -31.54 31.98
N ILE A 290 -38.32 -32.01 31.15
CA ILE A 290 -38.38 -31.53 29.78
C ILE A 290 -38.58 -30.03 29.78
N ARG A 291 -39.33 -29.49 30.74
CA ARG A 291 -39.55 -28.04 30.80
C ARG A 291 -38.44 -27.29 31.56
N GLY A 292 -37.64 -28.03 32.31
CA GLY A 292 -36.45 -27.46 32.92
C GLY A 292 -35.33 -27.40 31.89
N ALA A 293 -35.17 -28.51 31.17
CA ALA A 293 -34.16 -28.61 30.15
C ALA A 293 -34.46 -27.66 29.00
N ILE A 294 -35.75 -27.52 28.66
CA ILE A 294 -36.16 -26.54 27.65
C ILE A 294 -35.71 -25.15 28.11
N TYR A 295 -35.95 -24.85 29.39
CA TYR A 295 -35.73 -23.52 29.92
C TYR A 295 -34.24 -23.15 30.03
N TYR A 296 -33.41 -24.06 30.53
CA TYR A 296 -31.97 -23.83 30.60
C TYR A 296 -31.34 -23.91 29.22
N PHE A 297 -32.07 -24.43 28.24
CA PHE A 297 -31.59 -24.37 26.87
C PHE A 297 -32.09 -23.12 26.15
N LYS A 298 -33.37 -22.77 26.31
CA LYS A 298 -33.89 -21.63 25.56
C LYS A 298 -33.19 -20.35 26.08
N ILE A 299 -32.70 -20.41 27.32
CA ILE A 299 -31.93 -19.33 27.93
C ILE A 299 -30.48 -19.43 27.46
N ALA A 300 -30.05 -20.65 27.16
CA ALA A 300 -28.67 -20.86 26.67
C ALA A 300 -28.44 -20.25 25.30
N VAL A 301 -29.41 -20.38 24.39
CA VAL A 301 -29.31 -19.73 23.08
C VAL A 301 -29.55 -18.23 23.16
N ALA A 302 -30.43 -17.78 24.06
CA ALA A 302 -30.63 -16.35 24.23
C ALA A 302 -29.33 -15.74 24.73
N LEU A 303 -28.58 -16.53 25.50
CA LEU A 303 -27.30 -16.06 26.01
C LEU A 303 -26.30 -15.85 24.88
N ALA A 304 -26.32 -16.71 23.87
CA ALA A 304 -25.38 -16.62 22.75
C ALA A 304 -25.68 -15.42 21.86
N VAL A 305 -26.91 -15.26 21.39
CA VAL A 305 -27.19 -14.18 20.44
C VAL A 305 -27.17 -12.82 21.10
N ALA A 306 -27.21 -12.79 22.43
CA ALA A 306 -27.12 -11.54 23.17
C ALA A 306 -25.67 -11.11 23.34
N ALA A 307 -24.76 -12.08 23.44
CA ALA A 307 -23.36 -11.80 23.74
C ALA A 307 -22.59 -11.28 22.52
N ILE A 308 -22.90 -11.83 21.35
CA ILE A 308 -22.20 -11.58 20.10
C ILE A 308 -22.73 -10.40 19.29
N PRO A 309 -21.86 -9.47 18.91
CA PRO A 309 -22.35 -8.36 18.09
C PRO A 309 -22.48 -8.77 16.63
N GLU A 310 -23.55 -9.50 16.30
CA GLU A 310 -23.72 -10.04 14.96
C GLU A 310 -23.72 -9.01 13.82
N GLY A 311 -24.16 -7.79 14.11
CA GLY A 311 -24.13 -6.74 13.11
C GLY A 311 -22.75 -6.17 12.81
N LEU A 312 -21.80 -6.38 13.72
CA LEU A 312 -20.54 -5.64 13.70
C LEU A 312 -19.73 -5.83 12.42
N PRO A 313 -19.48 -7.07 11.96
CA PRO A 313 -18.63 -7.20 10.77
C PRO A 313 -19.23 -6.46 9.57
N ALA A 314 -20.55 -6.46 9.46
CA ALA A 314 -21.24 -5.77 8.39
C ALA A 314 -21.12 -4.26 8.50
N VAL A 315 -20.99 -3.75 9.72
CA VAL A 315 -20.86 -2.30 9.92
C VAL A 315 -19.43 -1.80 9.64
N ILE A 316 -18.44 -2.49 10.19
CA ILE A 316 -17.05 -2.25 9.89
C ILE A 316 -16.87 -2.21 8.38
N THR A 317 -17.38 -3.23 7.70
CA THR A 317 -17.15 -3.35 6.27
C THR A 317 -17.82 -2.22 5.50
N THR A 318 -18.92 -1.69 6.01
CA THR A 318 -19.56 -0.55 5.34
C THR A 318 -18.76 0.75 5.46
N CYS A 319 -18.29 1.05 6.67
CA CYS A 319 -17.43 2.21 6.91
C CYS A 319 -16.19 2.18 6.03
N LEU A 320 -15.48 1.06 6.04
CA LEU A 320 -14.30 0.89 5.21
C LEU A 320 -14.65 1.12 3.74
N ALA A 321 -15.68 0.45 3.25
CA ALA A 321 -16.06 0.56 1.84
C ALA A 321 -16.44 1.98 1.45
N LEU A 322 -16.99 2.74 2.38
CA LEU A 322 -17.42 4.08 2.04
C LEU A 322 -16.29 5.06 2.23
N GLY A 323 -15.42 4.75 3.18
CA GLY A 323 -14.19 5.50 3.37
C GLY A 323 -13.27 5.33 2.17
N THR A 324 -13.09 4.08 1.75
CA THR A 324 -12.37 3.74 0.53
C THR A 324 -12.78 4.64 -0.65
N ARG A 325 -14.08 4.70 -0.94
CA ARG A 325 -14.57 5.50 -2.06
C ARG A 325 -14.33 6.99 -1.82
N ARG A 326 -14.33 7.41 -0.56
CA ARG A 326 -14.00 8.79 -0.23
C ARG A 326 -12.54 9.03 -0.59
N MET A 327 -11.69 8.07 -0.24
CA MET A 327 -10.26 8.16 -0.46
C MET A 327 -9.87 8.19 -1.93
N ALA A 328 -10.59 7.43 -2.75
CA ALA A 328 -10.35 7.45 -4.20
C ALA A 328 -10.62 8.82 -4.78
N LYS A 329 -11.53 9.58 -4.18
CA LYS A 329 -11.74 10.97 -4.58
C LYS A 329 -10.46 11.80 -4.34
N LYS A 330 -9.71 11.46 -3.29
CA LYS A 330 -8.50 12.20 -2.94
C LYS A 330 -7.25 11.50 -3.49
N ASN A 331 -7.42 10.75 -4.58
CA ASN A 331 -6.34 10.11 -5.36
C ASN A 331 -5.77 8.82 -4.82
N ALA A 332 -6.29 8.31 -3.71
CA ALA A 332 -5.75 7.09 -3.14
C ALA A 332 -6.69 5.90 -3.36
N ILE A 333 -6.13 4.87 -3.99
CA ILE A 333 -6.86 3.67 -4.36
C ILE A 333 -6.48 2.54 -3.41
N VAL A 334 -7.30 2.32 -2.38
CA VAL A 334 -7.01 1.28 -1.40
C VAL A 334 -7.46 -0.08 -1.93
N ARG A 335 -6.66 -1.11 -1.67
CA ARG A 335 -6.86 -2.41 -2.27
C ARG A 335 -7.62 -3.36 -1.35
N SER A 336 -7.12 -3.55 -0.12
CA SER A 336 -7.85 -4.38 0.85
C SER A 336 -8.43 -3.52 1.98
N LEU A 337 -9.73 -3.71 2.23
CA LEU A 337 -10.45 -2.90 3.22
C LEU A 337 -9.77 -2.75 4.58
N PRO A 338 -9.30 -3.86 5.19
CA PRO A 338 -8.79 -3.71 6.56
C PRO A 338 -7.49 -2.88 6.68
N SER A 339 -6.78 -2.59 5.59
CA SER A 339 -5.51 -1.88 5.73
C SER A 339 -5.70 -0.37 5.97
N VAL A 340 -6.93 0.10 5.83
CA VAL A 340 -7.29 1.47 6.21
C VAL A 340 -6.96 1.70 7.69
N GLU A 341 -7.08 0.65 8.51
CA GLU A 341 -6.75 0.77 9.91
C GLU A 341 -5.24 0.86 10.12
N THR A 342 -4.47 -0.02 9.45
CA THR A 342 -3.02 -0.02 9.62
C THR A 342 -2.39 1.25 9.01
N LEU A 343 -3.02 1.77 7.97
CA LEU A 343 -2.54 2.98 7.31
C LEU A 343 -2.50 4.18 8.25
N GLY A 344 -3.57 4.35 9.00
CA GLY A 344 -3.72 5.48 9.90
C GLY A 344 -2.80 5.36 11.08
N CYS A 345 -2.26 4.18 11.28
CA CYS A 345 -1.32 3.91 12.36
C CYS A 345 0.16 4.14 12.00
N THR A 346 0.44 4.29 10.68
CA THR A 346 1.77 4.55 10.09
C THR A 346 2.72 5.42 10.90
N SER A 347 3.85 4.87 11.32
CA SER A 347 4.76 5.67 12.14
C SER A 347 5.96 6.15 11.31
N VAL A 348 6.23 5.48 10.19
CA VAL A 348 7.36 5.79 9.32
C VAL A 348 7.02 5.62 7.83
N ILE A 349 7.37 6.62 7.03
CA ILE A 349 7.14 6.59 5.58
C ILE A 349 8.41 6.61 4.74
N CYS A 350 8.67 5.56 3.98
CA CYS A 350 9.78 5.58 3.05
C CYS A 350 9.26 5.84 1.64
N SER A 351 9.51 7.03 1.13
CA SER A 351 9.15 7.32 -0.25
C SER A 351 10.37 7.47 -1.17
N ASP A 352 10.32 6.85 -2.35
CA ASP A 352 11.23 7.17 -3.46
C ASP A 352 11.14 8.67 -3.79
N LYS A 353 12.25 9.28 -4.22
CA LYS A 353 12.23 10.70 -4.59
C LYS A 353 11.77 10.90 -6.03
N THR A 354 12.51 10.39 -7.02
CA THR A 354 12.14 10.71 -8.41
C THR A 354 10.72 10.21 -8.78
N GLY A 355 9.83 11.17 -9.03
CA GLY A 355 8.48 10.84 -9.47
C GLY A 355 7.41 11.01 -8.41
N THR A 356 7.79 10.87 -7.15
CA THR A 356 6.85 10.95 -6.05
C THR A 356 7.08 12.19 -5.18
N LEU A 357 8.31 12.44 -4.76
CA LEU A 357 8.63 13.68 -4.06
C LEU A 357 8.89 14.77 -5.08
N THR A 358 9.22 14.38 -6.30
CA THR A 358 9.54 15.31 -7.39
C THR A 358 8.69 15.01 -8.62
N THR A 359 8.73 15.90 -9.60
CA THR A 359 7.87 15.80 -10.77
C THR A 359 8.46 14.95 -11.88
N ASN A 360 9.75 14.67 -11.79
CA ASN A 360 10.48 13.95 -12.83
C ASN A 360 10.37 14.69 -14.16
N GLN A 361 10.28 16.01 -14.05
CA GLN A 361 10.23 16.89 -15.19
C GLN A 361 11.39 17.85 -15.06
N MET A 362 12.51 17.49 -15.69
CA MET A 362 13.76 18.19 -15.50
C MET A 362 14.02 19.24 -16.57
N SER A 363 14.61 20.37 -16.18
CA SER A 363 15.19 21.28 -17.17
C SER A 363 16.46 21.91 -16.63
N VAL A 364 17.32 22.39 -17.53
CA VAL A 364 18.60 23.01 -17.16
C VAL A 364 18.44 24.43 -16.63
N CYS A 365 19.09 24.72 -15.49
CA CYS A 365 18.88 26.00 -14.82
C CYS A 365 20.12 26.90 -14.84
N LYS A 366 21.27 26.31 -14.55
CA LYS A 366 22.53 27.04 -14.62
C LYS A 366 23.46 26.29 -15.58
N MET A 367 24.51 26.95 -16.07
CA MET A 367 25.56 26.34 -16.91
C MET A 367 26.79 27.25 -16.99
N PHE A 368 27.99 26.67 -17.07
CA PHE A 368 29.15 27.52 -17.17
C PHE A 368 30.19 26.95 -18.11
N ILE A 369 30.90 27.84 -18.80
CA ILE A 369 32.08 27.47 -19.59
C ILE A 369 33.29 28.20 -19.03
N ILE A 370 34.44 27.95 -19.65
CA ILE A 370 35.67 28.63 -19.26
C ILE A 370 35.88 29.86 -20.15
N ASP A 371 36.13 30.98 -19.48
CA ASP A 371 36.18 32.29 -20.08
C ASP A 371 37.64 32.67 -20.26
N LYS A 372 38.45 32.25 -19.30
CA LYS A 372 39.85 32.63 -19.28
C LYS A 372 40.68 31.86 -18.28
N VAL A 373 41.83 31.38 -18.75
CA VAL A 373 42.83 30.70 -17.93
C VAL A 373 44.16 31.40 -18.09
N ASP A 374 44.81 31.68 -16.97
CA ASP A 374 46.07 32.40 -17.02
C ASP A 374 46.91 32.17 -15.76
N GLY A 375 47.54 31.01 -15.67
CA GLY A 375 48.32 30.68 -14.50
C GLY A 375 47.42 30.17 -13.40
N ASP A 376 47.28 30.95 -12.34
CA ASP A 376 46.38 30.62 -11.23
C ASP A 376 45.07 31.34 -11.38
N PHE A 377 45.11 32.40 -12.18
CA PHE A 377 43.96 33.25 -12.37
C PHE A 377 42.92 32.51 -13.19
N CYS A 378 41.71 32.52 -12.69
CA CYS A 378 40.67 31.75 -13.32
C CYS A 378 39.39 32.54 -13.41
N SER A 379 38.76 32.48 -14.57
CA SER A 379 37.47 33.08 -14.72
C SER A 379 36.55 32.11 -15.41
N LEU A 380 35.44 31.80 -14.75
CA LEU A 380 34.39 31.01 -15.35
C LEU A 380 33.45 31.95 -16.06
N ASN A 381 32.67 31.41 -16.96
CA ASN A 381 31.58 32.17 -17.53
C ASN A 381 30.24 31.49 -17.17
N GLU A 382 29.58 31.96 -16.11
CA GLU A 382 28.34 31.32 -15.63
C GLU A 382 27.09 31.90 -16.28
N PHE A 383 26.08 31.06 -16.49
CA PHE A 383 24.81 31.52 -17.05
C PHE A 383 23.60 30.96 -16.29
N SER A 384 22.45 31.55 -16.56
CA SER A 384 21.20 31.03 -16.04
C SER A 384 20.25 30.82 -17.21
N ILE A 385 19.29 29.93 -17.03
CA ILE A 385 18.33 29.61 -18.07
C ILE A 385 16.91 29.56 -17.49
N THR A 386 15.98 30.31 -18.07
CA THR A 386 14.59 30.30 -17.60
C THR A 386 13.72 29.28 -18.32
N GLY A 387 12.58 28.96 -17.72
CA GLY A 387 11.64 28.00 -18.27
C GLY A 387 11.85 26.62 -17.67
N SER A 388 10.77 26.07 -17.11
CA SER A 388 10.82 24.86 -16.30
C SER A 388 10.30 23.62 -17.03
N THR A 389 9.59 23.82 -18.14
CA THR A 389 9.04 22.69 -18.88
C THR A 389 9.96 22.30 -20.02
N TYR A 390 9.57 21.28 -20.78
CA TYR A 390 10.41 20.79 -21.87
C TYR A 390 10.29 21.68 -23.12
N ALA A 391 9.38 22.65 -23.05
CA ALA A 391 9.11 23.55 -24.17
C ALA A 391 10.28 24.49 -24.44
N PRO A 392 10.54 24.82 -25.71
CA PRO A 392 11.70 25.64 -26.10
C PRO A 392 11.54 27.13 -25.80
N GLU A 393 10.49 27.49 -25.07
CA GLU A 393 10.27 28.87 -24.65
C GLU A 393 11.18 29.20 -23.45
N GLY A 394 12.01 30.22 -23.60
CA GLY A 394 12.96 30.54 -22.56
C GLY A 394 14.16 31.28 -23.10
N GLU A 395 14.96 31.85 -22.21
CA GLU A 395 16.09 32.65 -22.63
C GLU A 395 17.28 32.46 -21.68
N VAL A 396 18.47 32.69 -22.20
CA VAL A 396 19.71 32.58 -21.44
C VAL A 396 20.11 33.96 -20.93
N LEU A 397 20.60 34.03 -19.69
CA LEU A 397 21.04 35.32 -19.12
C LEU A 397 22.41 35.29 -18.46
N LYS A 398 23.11 36.41 -18.56
CA LYS A 398 24.38 36.59 -17.87
C LYS A 398 24.21 37.76 -16.91
N ASN A 399 24.25 37.45 -15.62
CA ASN A 399 23.95 38.40 -14.56
C ASN A 399 22.63 39.15 -14.84
N ASP A 400 21.66 38.35 -15.29
CA ASP A 400 20.22 38.67 -15.31
C ASP A 400 19.76 39.42 -16.56
N LYS A 401 20.70 39.92 -17.35
CA LYS A 401 20.37 40.43 -18.68
C LYS A 401 20.38 39.26 -19.66
N PRO A 402 19.40 39.23 -20.58
CA PRO A 402 19.36 38.19 -21.62
C PRO A 402 20.52 38.36 -22.59
N ILE A 403 21.02 37.25 -23.10
CA ILE A 403 22.13 37.27 -24.03
C ILE A 403 21.81 36.47 -25.29
N ARG A 404 22.51 36.84 -26.35
CA ARG A 404 22.48 36.12 -27.61
C ARG A 404 23.63 35.11 -27.58
N SER A 405 23.31 33.83 -27.37
CA SER A 405 24.32 32.79 -27.05
C SER A 405 25.40 32.58 -28.10
N GLY A 406 25.15 32.99 -29.33
CA GLY A 406 26.08 32.74 -30.41
C GLY A 406 27.44 33.41 -30.30
N GLN A 407 27.53 34.51 -29.56
CA GLN A 407 28.80 35.22 -29.41
C GLN A 407 29.71 34.61 -28.32
N PHE A 408 29.39 33.41 -27.88
CA PHE A 408 30.27 32.66 -26.99
C PHE A 408 30.63 31.36 -27.67
N ASP A 409 31.91 31.13 -27.94
CA ASP A 409 32.27 29.98 -28.75
C ASP A 409 32.15 28.71 -27.93
N GLY A 410 32.63 28.75 -26.70
CA GLY A 410 32.39 27.67 -25.77
C GLY A 410 30.90 27.31 -25.72
N LEU A 411 30.01 28.30 -25.85
CA LEU A 411 28.59 28.01 -25.82
C LEU A 411 28.13 27.20 -27.06
N VAL A 412 28.64 27.53 -28.24
CA VAL A 412 28.21 26.77 -29.43
C VAL A 412 28.70 25.32 -29.30
N GLU A 413 29.83 25.11 -28.64
CA GLU A 413 30.34 23.75 -28.52
C GLU A 413 29.55 22.97 -27.51
N LEU A 414 29.33 23.58 -26.36
CA LEU A 414 28.53 23.00 -25.31
C LEU A 414 27.13 22.64 -25.85
N ALA A 415 26.61 23.47 -26.75
CA ALA A 415 25.35 23.14 -27.43
C ALA A 415 25.41 21.85 -28.23
N THR A 416 26.44 21.69 -29.04
CA THR A 416 26.49 20.58 -29.97
C THR A 416 26.71 19.24 -29.27
N ILE A 417 27.55 19.24 -28.23
CA ILE A 417 27.65 18.06 -27.36
C ILE A 417 26.27 17.63 -26.86
N CYS A 418 25.53 18.58 -26.30
CA CYS A 418 24.19 18.31 -25.81
C CYS A 418 23.24 17.74 -26.87
N ALA A 419 23.34 18.22 -28.11
CA ALA A 419 22.43 17.73 -29.16
C ALA A 419 22.87 16.38 -29.71
N LEU A 420 24.17 16.18 -29.88
CA LEU A 420 24.70 14.97 -30.51
C LEU A 420 24.85 13.81 -29.53
N CYS A 421 25.29 14.13 -28.32
CA CYS A 421 25.52 13.10 -27.32
C CYS A 421 24.21 12.81 -26.58
N ASN A 422 23.23 12.34 -27.33
CA ASN A 422 21.84 12.36 -26.89
C ASN A 422 21.03 11.30 -27.64
N ASP A 423 20.43 10.35 -26.92
CA ASP A 423 19.67 9.31 -27.59
C ASP A 423 18.18 9.63 -27.57
N SER A 424 17.83 10.69 -26.86
CA SER A 424 16.43 11.10 -26.69
C SER A 424 16.13 12.25 -27.64
N SER A 425 14.91 12.78 -27.57
CA SER A 425 14.51 13.90 -28.41
C SER A 425 13.13 14.45 -28.01
N LEU A 426 12.48 15.11 -28.98
CA LEU A 426 11.17 15.74 -28.79
C LEU A 426 10.21 15.47 -29.95
N ASP A 427 8.92 15.58 -29.66
CA ASP A 427 7.89 15.61 -30.69
C ASP A 427 6.70 16.36 -30.10
N PHE A 428 6.22 17.36 -30.83
CA PHE A 428 5.12 18.17 -30.33
C PHE A 428 3.79 17.44 -30.47
N ASN A 429 3.03 17.42 -29.37
CA ASN A 429 1.70 16.82 -29.36
C ASN A 429 0.62 17.86 -29.65
N GLU A 430 -0.27 17.52 -30.57
CA GLU A 430 -1.27 18.49 -31.02
C GLU A 430 -2.60 18.37 -30.28
N THR A 431 -2.83 17.22 -29.65
CA THR A 431 -4.07 17.00 -28.89
C THR A 431 -4.01 17.64 -27.50
N LYS A 432 -2.79 17.86 -27.00
CA LYS A 432 -2.60 18.45 -25.67
C LYS A 432 -1.99 19.84 -25.73
N GLY A 433 -1.39 20.19 -26.87
CA GLY A 433 -0.72 21.48 -27.01
C GLY A 433 0.49 21.60 -26.10
N VAL A 434 1.02 20.47 -25.67
CA VAL A 434 2.11 20.45 -24.71
C VAL A 434 3.28 19.60 -25.21
N TYR A 435 4.49 20.15 -25.09
CA TYR A 435 5.69 19.44 -25.47
C TYR A 435 6.00 18.35 -24.46
N GLU A 436 6.08 17.11 -24.93
CA GLU A 436 6.43 15.96 -24.12
C GLU A 436 7.76 15.37 -24.58
N LYS A 437 8.32 14.44 -23.81
CA LYS A 437 9.67 13.95 -24.08
C LYS A 437 9.67 12.65 -24.86
N VAL A 438 10.76 12.36 -25.56
CA VAL A 438 10.84 11.17 -26.38
C VAL A 438 11.59 10.03 -25.69
N GLY A 439 12.67 10.32 -24.97
CA GLY A 439 13.32 9.27 -24.19
C GLY A 439 13.46 9.54 -22.70
N GLU A 440 14.71 9.51 -22.23
CA GLU A 440 15.09 9.83 -20.88
C GLU A 440 14.85 11.30 -20.53
N ALA A 441 14.38 11.57 -19.31
CA ALA A 441 14.06 12.93 -18.88
C ALA A 441 15.28 13.80 -18.75
N THR A 442 16.37 13.24 -18.28
CA THR A 442 17.54 14.08 -18.06
C THR A 442 18.18 14.44 -19.41
N GLU A 443 18.13 13.55 -20.40
CA GLU A 443 18.65 13.92 -21.73
C GLU A 443 17.72 14.91 -22.41
N THR A 444 16.41 14.70 -22.24
CA THR A 444 15.43 15.57 -22.90
C THR A 444 15.55 17.03 -22.45
N ALA A 445 15.90 17.23 -21.20
CA ALA A 445 16.28 18.55 -20.73
C ALA A 445 17.43 19.15 -21.59
N LEU A 446 18.42 18.33 -21.97
CA LEU A 446 19.50 18.85 -22.81
C LEU A 446 18.95 19.24 -24.19
N THR A 447 18.19 18.34 -24.82
CA THR A 447 17.66 18.65 -26.13
C THR A 447 16.76 19.88 -26.08
N THR A 448 16.20 20.20 -24.90
CA THR A 448 15.41 21.43 -24.73
C THR A 448 16.31 22.66 -24.55
N LEU A 449 17.31 22.55 -23.68
CA LEU A 449 18.33 23.59 -23.50
C LEU A 449 18.94 24.11 -24.81
N VAL A 450 19.19 23.21 -25.76
CA VAL A 450 19.84 23.60 -27.00
C VAL A 450 18.88 24.37 -27.88
N GLU A 451 17.58 24.20 -27.65
CA GLU A 451 16.59 24.90 -28.42
C GLU A 451 16.42 26.34 -27.94
N LYS A 452 16.98 26.64 -26.77
CA LYS A 452 16.84 27.96 -26.15
C LYS A 452 18.02 28.87 -26.41
N MET A 453 19.13 28.29 -26.85
CA MET A 453 20.30 29.09 -27.19
C MET A 453 20.65 28.93 -28.66
N ASN A 454 19.84 29.53 -29.53
CA ASN A 454 20.16 29.58 -30.93
C ASN A 454 21.62 29.97 -31.10
N VAL A 455 22.49 28.99 -30.97
CA VAL A 455 23.93 29.22 -31.07
C VAL A 455 24.28 29.78 -32.43
N PHE A 456 23.50 29.43 -33.44
CA PHE A 456 23.74 29.92 -34.76
C PHE A 456 22.70 30.97 -35.11
N ASN A 457 21.97 31.39 -34.06
CA ASN A 457 21.02 32.50 -34.15
C ASN A 457 20.00 32.30 -35.27
N THR A 458 19.70 31.02 -35.52
CA THR A 458 18.77 30.58 -36.55
C THR A 458 17.44 31.33 -36.49
N GLU A 459 17.05 31.94 -37.60
CA GLU A 459 15.75 32.58 -37.65
C GLU A 459 14.67 31.53 -37.48
N VAL A 460 14.34 31.24 -36.22
CA VAL A 460 13.33 30.26 -35.89
C VAL A 460 12.06 30.93 -35.36
N ARG A 461 11.99 32.24 -35.52
CA ARG A 461 10.92 33.04 -34.92
C ARG A 461 9.57 32.88 -35.61
N ASN A 462 9.45 31.89 -36.50
CA ASN A 462 8.20 31.73 -37.26
C ASN A 462 7.84 30.27 -37.60
N LEU A 463 8.49 29.32 -36.95
CA LEU A 463 8.34 27.91 -37.30
C LEU A 463 7.07 27.25 -36.74
N SER A 464 6.54 26.30 -37.50
CA SER A 464 5.46 25.45 -37.03
C SER A 464 5.91 24.66 -35.81
N LYS A 465 5.00 24.44 -34.86
CA LYS A 465 5.38 23.81 -33.59
C LYS A 465 5.82 22.34 -33.71
N VAL A 466 5.18 21.58 -34.59
CA VAL A 466 5.59 20.19 -34.81
C VAL A 466 7.00 20.14 -35.37
N GLU A 467 7.35 21.14 -36.17
CA GLU A 467 8.67 21.24 -36.79
C GLU A 467 9.55 22.20 -35.99
N ARG A 468 8.99 22.84 -34.97
CA ARG A 468 9.75 23.65 -34.02
C ARG A 468 10.39 22.74 -32.99
N ALA A 469 9.88 21.50 -32.92
CA ALA A 469 10.29 20.53 -31.91
C ALA A 469 11.80 20.25 -31.94
N ASN A 470 12.34 19.93 -33.11
CA ASN A 470 13.75 19.58 -33.22
C ASN A 470 14.53 20.44 -34.20
N ALA A 471 14.29 21.76 -34.20
CA ALA A 471 14.85 22.67 -35.19
C ALA A 471 16.34 22.99 -34.97
N CYS A 472 16.69 23.57 -33.81
CA CYS A 472 18.08 23.88 -33.49
C CYS A 472 18.96 22.64 -33.39
N ASN A 473 18.36 21.51 -33.03
CA ASN A 473 19.09 20.24 -32.93
C ASN A 473 19.47 19.71 -34.31
N SER A 474 18.55 19.86 -35.26
CA SER A 474 18.75 19.35 -36.61
C SER A 474 19.90 20.05 -37.31
N VAL A 475 20.06 21.36 -37.07
CA VAL A 475 21.13 22.10 -37.75
C VAL A 475 22.48 21.58 -37.25
N ILE A 476 22.49 21.08 -36.01
CA ILE A 476 23.68 20.45 -35.43
C ILE A 476 23.77 18.96 -35.82
N ARG A 477 22.71 18.40 -36.39
CA ARG A 477 22.80 17.06 -36.97
C ARG A 477 23.25 17.14 -38.42
N GLN A 478 22.93 18.25 -39.07
CA GLN A 478 23.36 18.47 -40.44
C GLN A 478 24.87 18.64 -40.49
N LEU A 479 25.43 19.16 -39.39
CA LEU A 479 26.86 19.46 -39.33
C LEU A 479 27.75 18.22 -39.15
N MET A 480 27.37 17.32 -38.25
CA MET A 480 28.15 16.10 -38.01
C MET A 480 27.29 14.84 -38.16
N LYS A 481 27.78 13.87 -38.93
CA LYS A 481 27.09 12.58 -39.00
C LYS A 481 27.51 11.80 -37.77
N LYS A 482 26.56 11.13 -37.13
CA LYS A 482 26.86 10.33 -35.95
C LYS A 482 27.18 8.89 -36.33
N GLU A 483 28.47 8.58 -36.36
CA GLU A 483 28.95 7.32 -36.90
C GLU A 483 28.61 6.16 -35.98
N PHE A 484 28.67 6.41 -34.68
CA PHE A 484 28.29 5.43 -33.66
C PHE A 484 28.35 6.04 -32.26
N THR A 485 27.75 5.38 -31.29
CA THR A 485 27.74 5.93 -29.96
C THR A 485 28.17 4.93 -28.90
N LEU A 486 28.83 5.39 -27.85
CA LEU A 486 29.24 4.52 -26.74
C LEU A 486 28.28 4.66 -25.55
N GLU A 487 27.52 3.59 -25.27
CA GLU A 487 26.46 3.68 -24.27
C GLU A 487 27.00 4.03 -22.87
N PHE A 488 26.11 4.57 -22.05
CA PHE A 488 26.38 4.81 -20.65
C PHE A 488 26.55 3.49 -19.91
N SER A 489 27.57 3.42 -19.05
CA SER A 489 27.66 2.36 -18.03
C SER A 489 28.13 2.96 -16.71
N ARG A 490 27.81 2.30 -15.61
CA ARG A 490 28.02 2.85 -14.28
C ARG A 490 29.44 2.72 -13.76
N ASP A 491 30.30 1.97 -14.44
CA ASP A 491 31.68 1.93 -14.00
C ASP A 491 32.30 3.30 -14.25
N ARG A 492 32.05 3.85 -15.43
CA ARG A 492 32.69 5.09 -15.81
C ARG A 492 31.73 6.27 -15.76
N LYS A 493 30.45 5.98 -15.51
CA LYS A 493 29.42 7.01 -15.42
C LYS A 493 29.56 8.10 -16.48
N SER A 494 29.58 7.69 -17.75
CA SER A 494 29.55 8.64 -18.86
C SER A 494 29.05 7.94 -20.11
N MET A 495 28.65 8.73 -21.11
CA MET A 495 28.41 8.19 -22.44
C MET A 495 29.08 9.09 -23.49
N SER A 496 29.29 8.57 -24.69
CA SER A 496 29.84 9.40 -25.74
C SER A 496 29.38 8.97 -27.13
N VAL A 497 29.65 9.82 -28.13
CA VAL A 497 29.34 9.53 -29.53
C VAL A 497 30.53 9.91 -30.40
N TYR A 498 30.70 9.22 -31.53
CA TYR A 498 31.81 9.48 -32.44
C TYR A 498 31.24 10.03 -33.74
N CYS A 499 31.77 11.18 -34.18
CA CYS A 499 31.17 11.92 -35.28
C CYS A 499 32.13 12.33 -36.37
N SER A 500 31.59 12.38 -37.59
CA SER A 500 32.29 12.90 -38.76
C SER A 500 31.47 14.05 -39.33
N PRO A 501 32.15 15.10 -39.83
CA PRO A 501 31.50 16.23 -40.52
C PRO A 501 30.83 15.80 -41.82
N ALA A 502 29.69 16.42 -42.15
CA ALA A 502 28.82 15.89 -43.20
C ALA A 502 28.86 16.67 -44.50
N LYS A 503 29.66 17.73 -44.56
CA LYS A 503 29.78 18.52 -45.79
C LYS A 503 31.20 18.42 -46.36
N SER A 504 31.58 19.41 -47.16
CA SER A 504 32.94 19.51 -47.68
C SER A 504 33.50 20.91 -47.46
N SER A 505 32.64 21.84 -47.07
CA SER A 505 33.06 23.20 -46.70
C SER A 505 32.94 23.37 -45.19
N ARG A 506 32.03 22.60 -44.60
CA ARG A 506 31.95 22.48 -43.15
C ARG A 506 32.99 21.45 -42.68
N ALA A 507 33.40 20.59 -43.61
CA ALA A 507 34.35 19.51 -43.32
C ALA A 507 35.70 20.03 -42.84
N ALA A 508 35.72 20.62 -41.67
CA ALA A 508 36.96 21.06 -41.04
C ALA A 508 37.30 20.11 -39.89
N VAL A 509 38.56 20.19 -39.44
CA VAL A 509 39.09 19.50 -38.25
C VAL A 509 38.88 17.98 -38.14
N GLY A 510 38.23 17.35 -39.12
CA GLY A 510 38.09 15.90 -39.11
C GLY A 510 37.13 15.32 -38.07
N ASN A 511 37.52 14.19 -37.47
CA ASN A 511 36.64 13.41 -36.57
C ASN A 511 36.76 13.73 -35.08
N LYS A 512 35.65 13.60 -34.35
CA LYS A 512 35.58 13.98 -32.94
C LYS A 512 34.66 13.11 -32.05
N MET A 513 34.97 13.06 -30.75
CA MET A 513 34.09 12.42 -29.74
C MET A 513 33.52 13.42 -28.76
N PHE A 514 32.21 13.45 -28.65
CA PHE A 514 31.54 14.28 -27.66
C PHE A 514 31.11 13.41 -26.46
N VAL A 515 31.33 13.93 -25.26
CA VAL A 515 31.26 13.12 -24.04
C VAL A 515 30.42 13.81 -23.00
N LYS A 516 29.53 13.06 -22.33
CA LYS A 516 28.84 13.61 -21.18
C LYS A 516 28.79 12.57 -20.10
N GLY A 517 28.69 13.00 -18.86
CA GLY A 517 28.70 12.06 -17.74
C GLY A 517 28.74 12.76 -16.39
N ALA A 518 28.89 11.97 -15.33
CA ALA A 518 29.04 12.48 -13.98
C ALA A 518 30.38 13.21 -13.90
N PRO A 519 30.38 14.39 -13.27
CA PRO A 519 31.54 15.31 -13.32
C PRO A 519 32.85 14.77 -12.74
N GLU A 520 32.85 14.03 -11.63
CA GLU A 520 34.12 13.56 -11.10
C GLU A 520 34.84 12.77 -12.19
N GLY A 521 34.15 11.76 -12.70
CA GLY A 521 34.73 10.85 -13.66
C GLY A 521 35.25 11.50 -14.92
N VAL A 522 34.47 12.37 -15.56
CA VAL A 522 34.97 12.93 -16.82
C VAL A 522 36.00 14.03 -16.61
N ILE A 523 35.95 14.73 -15.48
CA ILE A 523 36.92 15.80 -15.28
C ILE A 523 38.28 15.20 -14.95
N ASP A 524 38.28 14.04 -14.30
CA ASP A 524 39.54 13.34 -14.06
C ASP A 524 40.17 12.83 -15.35
N ARG A 525 39.37 12.68 -16.40
CA ARG A 525 39.91 12.19 -17.67
C ARG A 525 40.19 13.35 -18.65
N CYS A 526 40.24 14.58 -18.15
CA CYS A 526 40.52 15.74 -18.99
C CYS A 526 41.92 16.28 -18.77
N ASN A 527 42.64 16.51 -19.86
CA ASN A 527 43.97 17.13 -19.78
C ASN A 527 44.01 18.48 -20.51
N TYR A 528 42.85 18.97 -20.92
CA TYR A 528 42.74 20.22 -21.64
C TYR A 528 41.48 20.93 -21.20
N VAL A 529 41.40 22.22 -21.53
CA VAL A 529 40.24 23.04 -21.19
C VAL A 529 39.94 23.97 -22.34
N ARG A 530 38.69 24.00 -22.79
CA ARG A 530 38.34 24.91 -23.86
C ARG A 530 37.97 26.31 -23.36
N VAL A 531 38.73 27.27 -23.85
CA VAL A 531 38.46 28.68 -23.68
C VAL A 531 38.11 29.25 -25.05
N GLY A 532 36.82 29.38 -25.33
CA GLY A 532 36.35 29.88 -26.61
C GLY A 532 36.59 28.87 -27.71
N THR A 533 37.32 29.29 -28.73
CA THR A 533 37.76 28.40 -29.80
C THR A 533 39.09 27.76 -29.41
N THR A 534 39.84 28.44 -28.55
CA THR A 534 41.20 27.99 -28.23
C THR A 534 41.23 26.87 -27.19
N ARG A 535 42.43 26.38 -26.92
CA ARG A 535 42.59 25.24 -26.03
C ARG A 535 43.88 25.34 -25.24
N VAL A 536 43.82 24.86 -24.00
CA VAL A 536 44.82 25.13 -22.99
C VAL A 536 44.87 23.94 -22.03
N PRO A 537 46.08 23.58 -21.55
CA PRO A 537 46.24 22.43 -20.66
C PRO A 537 45.60 22.62 -19.29
N MET A 538 44.96 21.56 -18.80
CA MET A 538 44.24 21.57 -17.54
C MET A 538 45.16 21.66 -16.32
N THR A 539 44.82 22.52 -15.37
CA THR A 539 45.65 22.75 -14.18
C THR A 539 44.85 22.75 -12.88
N GLY A 540 45.58 22.82 -11.77
CA GLY A 540 45.01 22.96 -10.43
C GLY A 540 43.98 24.06 -10.23
N PRO A 541 44.41 25.34 -10.35
CA PRO A 541 43.56 26.53 -10.15
C PRO A 541 42.24 26.49 -10.91
N VAL A 542 42.24 25.83 -12.06
CA VAL A 542 41.05 25.73 -12.89
C VAL A 542 40.23 24.50 -12.53
N LYS A 543 40.90 23.41 -12.18
CA LYS A 543 40.18 22.24 -11.69
C LYS A 543 39.53 22.54 -10.34
N GLU A 544 40.22 23.29 -9.48
CA GLU A 544 39.65 23.75 -8.24
C GLU A 544 38.38 24.52 -8.54
N LYS A 545 38.54 25.65 -9.20
CA LYS A 545 37.43 26.55 -9.45
C LYS A 545 36.41 25.91 -10.41
N ILE A 546 36.54 24.62 -10.67
CA ILE A 546 35.52 23.91 -11.45
C ILE A 546 34.73 22.94 -10.54
N LEU A 547 35.44 22.10 -9.80
CA LEU A 547 34.79 21.23 -8.83
C LEU A 547 34.20 22.08 -7.71
N SER A 548 34.82 23.20 -7.42
CA SER A 548 34.27 24.18 -6.49
C SER A 548 32.83 24.57 -6.85
N VAL A 549 32.59 24.90 -8.11
CA VAL A 549 31.27 25.39 -8.48
C VAL A 549 30.29 24.23 -8.56
N ILE A 550 30.78 23.05 -8.93
CA ILE A 550 29.94 21.86 -8.97
C ILE A 550 29.52 21.43 -7.55
N LYS A 551 30.34 21.69 -6.53
CA LYS A 551 29.94 21.35 -5.17
C LYS A 551 28.91 22.36 -4.69
N GLU A 552 29.06 23.60 -5.12
CA GLU A 552 28.09 24.62 -4.76
C GLU A 552 26.75 24.32 -5.41
N TRP A 553 26.73 24.08 -6.71
CA TRP A 553 25.48 23.83 -7.41
C TRP A 553 24.76 22.58 -6.94
N GLY A 554 25.51 21.59 -6.47
CA GLY A 554 24.90 20.34 -6.07
C GLY A 554 24.55 20.22 -4.59
N THR A 555 25.28 20.91 -3.72
CA THR A 555 25.11 20.76 -2.28
C THR A 555 24.51 22.05 -1.74
N GLY A 556 24.25 22.99 -2.62
CA GLY A 556 23.68 24.26 -2.22
C GLY A 556 22.17 24.20 -2.23
N ARG A 557 21.52 25.31 -1.87
CA ARG A 557 20.07 25.38 -1.83
C ARG A 557 19.46 25.37 -3.26
N ASP A 558 20.34 25.25 -4.26
CA ASP A 558 19.96 25.10 -5.67
C ASP A 558 19.58 23.65 -5.97
N THR A 559 20.23 22.73 -5.24
CA THR A 559 20.10 21.28 -5.42
C THR A 559 19.98 20.89 -6.90
N LEU A 560 21.12 20.90 -7.61
CA LEU A 560 21.12 20.66 -9.04
C LEU A 560 21.83 19.35 -9.40
N ARG A 561 21.33 18.69 -10.44
CA ARG A 561 21.96 17.50 -10.95
C ARG A 561 22.96 17.94 -12.04
N CYS A 562 24.23 17.54 -11.94
CA CYS A 562 25.26 18.08 -12.82
C CYS A 562 25.89 17.07 -13.76
N LEU A 563 25.99 17.44 -15.02
CA LEU A 563 26.72 16.66 -15.99
C LEU A 563 27.91 17.49 -16.46
N ALA A 564 29.06 16.87 -16.61
CA ALA A 564 30.15 17.54 -17.26
C ALA A 564 30.13 17.21 -18.75
N LEU A 565 30.52 18.17 -19.58
CA LEU A 565 30.54 17.96 -21.02
C LEU A 565 31.95 18.20 -21.53
N ALA A 566 32.39 17.38 -22.48
CA ALA A 566 33.75 17.37 -22.93
C ALA A 566 33.85 16.83 -24.34
N THR A 567 34.93 17.19 -25.04
CA THR A 567 35.20 16.59 -26.34
C THR A 567 36.55 15.92 -26.30
N ARG A 568 36.70 14.85 -27.06
CA ARG A 568 38.03 14.32 -27.33
C ARG A 568 38.52 14.80 -28.70
N ASP A 569 39.35 15.84 -28.69
CA ASP A 569 39.74 16.50 -29.91
C ASP A 569 40.45 15.56 -30.91
N THR A 570 41.29 14.65 -30.41
CA THR A 570 41.93 13.66 -31.30
C THR A 570 41.54 12.23 -30.91
N PRO A 571 40.38 11.75 -31.41
CA PRO A 571 39.97 10.37 -31.12
C PRO A 571 40.84 9.35 -31.84
N PRO A 572 40.84 8.10 -31.33
CA PRO A 572 41.55 7.03 -32.03
C PRO A 572 40.91 6.72 -33.37
N LYS A 573 41.67 6.07 -34.23
CA LYS A 573 41.16 5.73 -35.54
C LYS A 573 40.08 4.66 -35.38
N ARG A 574 39.02 4.74 -36.20
CA ARG A 574 37.87 3.85 -36.12
C ARG A 574 38.25 2.35 -36.13
N GLU A 575 39.33 2.00 -36.84
CA GLU A 575 39.71 0.60 -36.96
C GLU A 575 40.38 0.07 -35.70
N GLU A 576 40.77 1.00 -34.84
CA GLU A 576 41.45 0.64 -33.60
C GLU A 576 40.50 0.64 -32.40
N MET A 577 39.20 0.68 -32.65
CA MET A 577 38.24 0.57 -31.57
C MET A 577 37.40 -0.69 -31.72
N VAL A 578 37.30 -1.46 -30.65
CA VAL A 578 36.34 -2.56 -30.61
C VAL A 578 35.10 -2.03 -29.89
N LEU A 579 33.97 -2.08 -30.56
CA LEU A 579 32.77 -1.43 -30.07
C LEU A 579 31.84 -2.39 -29.31
N ASP A 580 32.21 -3.67 -29.31
CA ASP A 580 31.40 -4.75 -28.72
C ASP A 580 31.63 -4.97 -27.22
N ASP A 581 32.37 -4.07 -26.58
CA ASP A 581 32.84 -4.33 -25.22
C ASP A 581 33.06 -3.08 -24.37
N SER A 582 32.08 -2.72 -23.54
CA SER A 582 32.20 -1.53 -22.68
C SER A 582 33.42 -1.51 -21.74
N SER A 583 34.18 -2.58 -21.70
CA SER A 583 35.30 -2.63 -20.78
C SER A 583 36.27 -1.56 -21.21
N ARG A 584 36.27 -1.29 -22.50
CA ARG A 584 37.26 -0.42 -23.11
C ARG A 584 36.71 0.99 -23.35
N PHE A 585 35.43 1.21 -23.10
CA PHE A 585 34.82 2.50 -23.45
C PHE A 585 35.35 3.63 -22.57
N MET A 586 35.69 3.36 -21.31
CA MET A 586 36.31 4.42 -20.50
C MET A 586 37.67 4.81 -21.08
N GLU A 587 38.48 3.82 -21.46
CA GLU A 587 39.79 4.08 -22.02
C GLU A 587 39.68 4.85 -23.35
N TYR A 588 38.65 4.54 -24.13
CA TYR A 588 38.41 5.28 -25.36
C TYR A 588 38.04 6.74 -25.01
N GLU A 589 37.30 6.95 -23.92
CA GLU A 589 36.91 8.30 -23.49
C GLU A 589 37.93 9.01 -22.58
N THR A 590 39.21 8.96 -22.91
CA THR A 590 40.23 9.63 -22.10
C THR A 590 40.94 10.72 -22.91
N ASP A 591 41.84 11.46 -22.24
CA ASP A 591 42.56 12.58 -22.85
C ASP A 591 41.62 13.63 -23.43
N LEU A 592 40.61 13.97 -22.64
CA LEU A 592 39.54 14.89 -23.06
C LEU A 592 39.83 16.38 -22.86
N THR A 593 39.01 17.22 -23.50
CA THR A 593 38.98 18.66 -23.28
C THR A 593 37.67 19.06 -22.56
N PHE A 594 37.77 19.57 -21.33
CA PHE A 594 36.61 20.09 -20.64
C PHE A 594 35.96 21.22 -21.45
N VAL A 595 34.65 21.14 -21.71
CA VAL A 595 33.97 22.19 -22.48
C VAL A 595 33.01 23.01 -21.61
N GLY A 596 32.37 22.33 -20.67
CA GLY A 596 31.47 23.00 -19.74
C GLY A 596 30.67 22.07 -18.83
N VAL A 597 29.95 22.67 -17.89
CA VAL A 597 29.12 21.91 -16.96
C VAL A 597 27.70 22.44 -17.05
N VAL A 598 26.75 21.53 -16.92
CA VAL A 598 25.33 21.86 -17.04
C VAL A 598 24.64 21.38 -15.78
N GLY A 599 23.69 22.17 -15.28
CA GLY A 599 23.02 21.84 -14.03
C GLY A 599 21.52 21.90 -14.14
N MET A 600 20.85 20.77 -13.97
CA MET A 600 19.39 20.79 -14.13
C MET A 600 18.71 20.55 -12.79
N LEU A 601 17.41 20.84 -12.75
CA LEU A 601 16.61 20.61 -11.55
C LEU A 601 15.50 19.63 -11.84
N ASP A 602 15.33 18.72 -10.90
CA ASP A 602 14.15 17.89 -10.79
C ASP A 602 13.40 18.43 -9.60
N PRO A 603 12.44 19.34 -9.83
CA PRO A 603 11.80 20.12 -8.75
C PRO A 603 10.94 19.29 -7.81
N PRO A 604 10.95 19.62 -6.51
CA PRO A 604 9.90 19.13 -5.61
C PRO A 604 8.52 19.46 -6.14
N ARG A 605 7.52 18.69 -5.72
CA ARG A 605 6.16 18.98 -6.08
C ARG A 605 5.62 20.07 -5.16
N LYS A 606 4.62 20.79 -5.66
CA LYS A 606 4.08 21.97 -4.97
C LYS A 606 3.59 21.62 -3.56
N GLU A 607 3.11 20.38 -3.39
CA GLU A 607 2.43 19.99 -2.18
C GLU A 607 3.33 19.26 -1.19
N VAL A 608 4.53 18.94 -1.60
CA VAL A 608 5.37 18.08 -0.77
C VAL A 608 5.89 18.82 0.48
N MET A 609 6.28 20.07 0.30
CA MET A 609 6.76 20.89 1.40
C MET A 609 5.85 20.79 2.63
N GLY A 610 4.55 20.94 2.40
CA GLY A 610 3.55 20.94 3.46
C GLY A 610 3.23 19.60 4.08
N SER A 611 3.14 18.58 3.24
CA SER A 611 2.93 17.21 3.71
C SER A 611 4.02 16.73 4.66
N ILE A 612 5.23 17.24 4.52
CA ILE A 612 6.29 16.83 5.44
C ILE A 612 6.14 17.49 6.81
N GLN A 613 5.63 18.73 6.83
CA GLN A 613 5.33 19.41 8.09
C GLN A 613 4.13 18.77 8.80
N LEU A 614 3.16 18.30 8.02
CA LEU A 614 2.05 17.52 8.54
C LEU A 614 2.59 16.29 9.24
N CYS A 615 3.60 15.67 8.62
CA CYS A 615 4.21 14.50 9.20
C CYS A 615 4.94 14.80 10.52
N ARG A 616 5.50 15.99 10.66
CA ARG A 616 6.16 16.33 11.92
C ARG A 616 5.10 16.50 12.97
N ASP A 617 4.06 17.25 12.60
CA ASP A 617 2.91 17.50 13.45
C ASP A 617 2.34 16.17 13.94
N ALA A 618 2.38 15.17 13.06
CA ALA A 618 1.74 13.88 13.31
C ALA A 618 2.69 12.78 13.80
N GLY A 619 3.92 13.13 14.14
CA GLY A 619 4.84 12.17 14.74
C GLY A 619 5.25 11.07 13.79
N ILE A 620 5.11 11.37 12.51
CA ILE A 620 5.49 10.44 11.45
C ILE A 620 6.86 10.75 10.88
N ARG A 621 7.73 9.75 10.89
CA ARG A 621 9.05 9.87 10.33
C ARG A 621 8.99 9.68 8.82
N VAL A 622 9.53 10.63 8.07
CA VAL A 622 9.69 10.46 6.62
C VAL A 622 11.13 10.10 6.21
N ILE A 623 11.26 9.11 5.34
CA ILE A 623 12.56 8.61 4.93
C ILE A 623 12.68 8.66 3.42
N MET A 624 13.56 9.51 2.91
CA MET A 624 13.75 9.60 1.46
C MET A 624 14.62 8.47 0.89
N ILE A 625 14.30 8.02 -0.30
CA ILE A 625 15.15 7.07 -0.99
C ILE A 625 15.39 7.56 -2.40
N THR A 626 16.65 7.72 -2.80
CA THR A 626 16.97 8.27 -4.13
C THR A 626 18.26 7.83 -4.78
N GLY A 627 18.42 8.24 -6.03
CA GLY A 627 19.62 7.94 -6.82
C GLY A 627 20.68 9.03 -6.85
N ASP A 628 20.40 10.19 -6.26
CA ASP A 628 21.37 11.27 -6.22
C ASP A 628 22.56 10.87 -5.36
N ASN A 629 23.72 11.46 -5.61
CA ASN A 629 24.85 11.22 -4.72
C ASN A 629 24.43 11.76 -3.33
N LYS A 630 24.83 11.03 -2.28
CA LYS A 630 24.54 11.38 -0.89
C LYS A 630 24.57 12.88 -0.59
N GLY A 631 25.54 13.58 -1.18
CA GLY A 631 25.70 15.01 -0.98
C GLY A 631 24.51 15.84 -1.42
N THR A 632 24.09 15.67 -2.67
CA THR A 632 22.88 16.38 -3.12
C THR A 632 21.63 15.74 -2.49
N ALA A 633 21.74 14.48 -2.06
CA ALA A 633 20.65 13.80 -1.36
C ALA A 633 20.31 14.52 -0.05
N ILE A 634 21.31 14.76 0.79
CA ILE A 634 21.16 15.55 2.01
C ILE A 634 20.62 16.95 1.72
N ALA A 635 21.05 17.52 0.60
CA ALA A 635 20.66 18.87 0.22
C ALA A 635 19.18 18.96 -0.16
N ILE A 636 18.67 17.98 -0.89
CA ILE A 636 17.24 17.95 -1.22
C ILE A 636 16.34 17.72 0.02
N CYS A 637 16.82 16.89 0.94
CA CYS A 637 16.18 16.71 2.22
C CYS A 637 16.02 18.05 2.94
N ARG A 638 17.08 18.84 2.94
CA ARG A 638 17.04 20.15 3.61
C ARG A 638 16.03 21.06 2.95
N ARG A 639 15.94 20.96 1.62
CA ARG A 639 15.09 21.85 0.85
C ARG A 639 13.62 21.50 1.01
N ILE A 640 13.30 20.24 1.32
CA ILE A 640 11.90 19.86 1.44
C ILE A 640 11.40 19.78 2.89
N GLY A 641 12.29 20.01 3.85
CA GLY A 641 11.88 20.12 5.24
C GLY A 641 12.27 18.95 6.11
N ILE A 642 12.69 17.87 5.48
CA ILE A 642 13.10 16.66 6.20
C ILE A 642 14.20 16.95 7.21
N PHE A 643 15.18 17.73 6.78
CA PHE A 643 16.25 18.24 7.64
C PHE A 643 16.13 19.75 7.79
N GLY A 644 16.73 20.32 8.83
CA GLY A 644 16.85 21.75 8.94
C GLY A 644 18.04 22.13 8.08
N GLU A 645 18.12 23.40 7.66
CA GLU A 645 19.26 23.86 6.90
C GLU A 645 20.57 23.60 7.63
N ASN A 646 20.75 24.26 8.77
CA ASN A 646 22.00 24.15 9.50
C ASN A 646 21.91 23.13 10.64
N GLU A 647 21.44 21.93 10.30
CA GLU A 647 21.29 20.83 11.25
C GLU A 647 22.25 19.68 10.92
N GLU A 648 22.99 19.17 11.91
CA GLU A 648 24.01 18.16 11.65
C GLU A 648 23.41 16.77 11.38
N VAL A 649 23.88 16.14 10.31
CA VAL A 649 23.36 14.84 9.89
C VAL A 649 24.46 13.81 9.65
N ALA A 650 25.53 13.85 10.43
CA ALA A 650 26.61 12.89 10.25
C ALA A 650 26.11 11.45 10.42
N ASP A 651 25.02 11.31 11.16
CA ASP A 651 24.51 9.98 11.52
C ASP A 651 23.06 9.75 11.12
N ARG A 652 22.54 10.47 10.14
CA ARG A 652 21.17 10.20 9.69
C ARG A 652 21.04 10.15 8.16
N ALA A 653 22.16 10.00 7.46
CA ALA A 653 22.17 9.68 6.03
C ALA A 653 23.15 8.53 5.74
N TYR A 654 22.89 7.78 4.67
CA TYR A 654 23.68 6.59 4.35
C TYR A 654 23.55 6.26 2.87
N THR A 655 24.65 5.83 2.25
CA THR A 655 24.58 5.17 0.96
C THR A 655 24.52 3.69 1.21
N GLY A 656 24.01 2.93 0.23
CA GLY A 656 24.15 1.49 0.27
C GLY A 656 25.55 1.00 0.59
N ARG A 657 26.58 1.51 -0.10
CA ARG A 657 27.96 1.07 0.15
C ARG A 657 28.34 1.27 1.61
N GLU A 658 27.86 2.36 2.20
CA GLU A 658 28.14 2.65 3.61
C GLU A 658 27.34 1.75 4.54
N PHE A 659 26.09 1.51 4.18
CA PHE A 659 25.18 0.65 4.93
C PHE A 659 25.62 -0.82 5.01
N ASP A 660 26.24 -1.34 3.96
CA ASP A 660 26.68 -2.71 3.97
C ASP A 660 27.96 -2.90 4.78
N ASP A 661 28.82 -1.88 4.78
CA ASP A 661 30.13 -2.00 5.42
C ASP A 661 30.01 -1.99 6.94
N LEU A 662 28.77 -1.84 7.43
CA LEU A 662 28.46 -1.94 8.85
C LEU A 662 28.11 -3.37 9.24
N PRO A 663 28.66 -3.84 10.36
CA PRO A 663 28.18 -5.11 10.93
C PRO A 663 26.69 -5.01 11.27
N LEU A 664 26.00 -6.14 11.29
CA LEU A 664 24.53 -6.19 11.38
C LEU A 664 23.96 -5.41 12.56
N ALA A 665 24.78 -5.17 13.57
CA ALA A 665 24.34 -4.44 14.77
C ALA A 665 24.06 -2.97 14.44
N GLU A 666 25.09 -2.28 13.96
CA GLU A 666 24.98 -0.87 13.64
C GLU A 666 23.98 -0.60 12.52
N GLN A 667 23.63 -1.64 11.75
CA GLN A 667 22.65 -1.52 10.67
C GLN A 667 21.24 -1.34 11.22
N ARG A 668 20.89 -2.13 12.23
CA ARG A 668 19.59 -2.00 12.85
C ARG A 668 19.43 -0.62 13.50
N GLU A 669 20.48 -0.16 14.17
CA GLU A 669 20.45 1.12 14.89
C GLU A 669 20.35 2.31 13.93
N ALA A 670 21.01 2.17 12.78
CA ALA A 670 21.01 3.21 11.76
C ALA A 670 19.62 3.51 11.25
N CYS A 671 18.79 2.47 11.15
CA CYS A 671 17.44 2.60 10.64
C CYS A 671 16.49 3.28 11.62
N ARG A 672 16.88 3.39 12.88
CA ARG A 672 16.04 4.06 13.88
C ARG A 672 16.18 5.57 13.76
N ARG A 673 17.36 6.02 13.36
CA ARG A 673 17.65 7.46 13.23
C ARG A 673 17.54 7.98 11.80
N ALA A 674 17.89 7.14 10.82
CA ALA A 674 18.04 7.57 9.43
C ALA A 674 16.78 8.12 8.80
N CYS A 675 16.96 9.14 7.96
CA CYS A 675 15.86 9.79 7.25
C CYS A 675 16.19 9.97 5.78
N CYS A 676 17.22 9.27 5.33
CA CYS A 676 17.75 9.46 3.98
C CYS A 676 18.64 8.29 3.59
N PHE A 677 18.31 7.65 2.46
CA PHE A 677 19.16 6.60 1.90
C PHE A 677 19.44 6.91 0.44
N ALA A 678 20.72 7.01 0.08
CA ALA A 678 21.11 7.35 -1.29
C ALA A 678 21.81 6.19 -1.99
N ARG A 679 21.45 5.98 -3.25
CA ARG A 679 22.06 4.95 -4.09
C ARG A 679 21.99 3.57 -3.44
N VAL A 680 20.78 3.06 -3.33
CA VAL A 680 20.55 1.78 -2.67
C VAL A 680 20.45 0.63 -3.66
N GLU A 681 20.68 -0.57 -3.14
CA GLU A 681 20.41 -1.78 -3.89
C GLU A 681 19.06 -2.31 -3.45
N PRO A 682 18.16 -2.61 -4.42
CA PRO A 682 16.77 -3.05 -4.20
C PRO A 682 16.57 -4.02 -3.03
N SER A 683 17.59 -4.80 -2.69
CA SER A 683 17.58 -5.65 -1.51
C SER A 683 17.54 -4.86 -0.20
N HIS A 684 17.98 -3.60 -0.26
CA HIS A 684 18.09 -2.79 0.95
C HIS A 684 16.74 -2.30 1.45
N LYS A 685 15.73 -2.33 0.59
CA LYS A 685 14.40 -1.91 0.99
C LYS A 685 13.81 -2.93 1.98
N SER A 686 13.91 -4.22 1.66
CA SER A 686 13.43 -5.22 2.59
C SER A 686 14.19 -5.17 3.91
N LYS A 687 15.51 -5.03 3.85
CA LYS A 687 16.31 -4.93 5.07
C LYS A 687 15.82 -3.79 5.95
N ILE A 688 15.64 -2.62 5.33
CA ILE A 688 15.19 -1.44 6.04
C ILE A 688 13.85 -1.65 6.73
N VAL A 689 12.90 -2.28 6.04
CA VAL A 689 11.59 -2.58 6.61
C VAL A 689 11.76 -3.41 7.89
N GLU A 690 12.32 -4.60 7.75
CA GLU A 690 12.58 -5.48 8.90
C GLU A 690 13.28 -4.81 10.08
N TYR A 691 14.22 -3.91 9.84
CA TYR A 691 14.85 -3.20 10.93
C TYR A 691 13.83 -2.28 11.60
N LEU A 692 13.00 -1.66 10.77
CA LEU A 692 11.99 -0.74 11.27
C LEU A 692 10.92 -1.51 12.06
N GLN A 693 10.50 -2.63 11.50
CA GLN A 693 9.62 -3.56 12.16
C GLN A 693 10.14 -4.00 13.52
N SER A 694 11.45 -4.17 13.63
CA SER A 694 12.05 -4.64 14.88
C SER A 694 11.92 -3.60 15.99
N TYR A 695 11.57 -2.38 15.62
CA TYR A 695 11.26 -1.35 16.60
C TYR A 695 9.75 -1.13 16.69
N ASP A 696 8.99 -2.12 16.24
CA ASP A 696 7.53 -2.04 16.20
C ASP A 696 7.03 -0.77 15.51
N GLU A 697 7.74 -0.37 14.46
CA GLU A 697 7.30 0.70 13.59
C GLU A 697 6.21 0.16 12.69
N ILE A 698 5.39 1.06 12.14
CA ILE A 698 4.39 0.69 11.17
C ILE A 698 4.74 1.42 9.89
N THR A 699 5.28 0.68 8.94
CA THR A 699 6.02 1.28 7.82
C THR A 699 5.25 1.33 6.50
N ALA A 700 5.19 2.51 5.90
CA ALA A 700 4.72 2.60 4.53
C ALA A 700 5.92 2.65 3.59
N MET A 701 5.87 1.87 2.53
CA MET A 701 6.94 1.80 1.56
C MET A 701 6.42 2.01 0.14
N THR A 702 7.02 2.95 -0.60
CA THR A 702 6.76 3.06 -2.04
C THR A 702 7.62 2.08 -2.86
N GLY A 703 7.17 1.72 -4.05
CA GLY A 703 7.90 0.84 -4.95
C GLY A 703 7.25 0.75 -6.32
N ASP A 704 7.99 0.29 -7.33
CA ASP A 704 7.55 0.49 -8.72
C ASP A 704 7.48 -0.78 -9.56
N GLY A 705 8.50 -1.63 -9.45
CA GLY A 705 8.60 -2.74 -10.39
C GLY A 705 8.58 -4.06 -9.68
N VAL A 706 8.61 -5.14 -10.46
CA VAL A 706 8.67 -6.50 -9.96
C VAL A 706 9.71 -6.69 -8.85
N ASN A 707 10.83 -5.97 -8.94
CA ASN A 707 11.87 -6.14 -7.94
C ASN A 707 11.67 -5.25 -6.73
N ASP A 708 10.54 -4.56 -6.70
CA ASP A 708 10.14 -3.84 -5.50
C ASP A 708 9.02 -4.60 -4.75
N ALA A 709 8.50 -5.64 -5.39
CA ALA A 709 7.40 -6.40 -4.86
C ALA A 709 7.67 -6.98 -3.45
N PRO A 710 8.83 -7.64 -3.23
CA PRO A 710 9.01 -8.24 -1.91
C PRO A 710 9.01 -7.26 -0.74
N ALA A 711 9.43 -6.01 -0.95
CA ALA A 711 9.42 -5.02 0.12
C ALA A 711 8.02 -4.44 0.30
N LEU A 712 7.38 -4.12 -0.84
CA LEU A 712 5.95 -3.84 -0.86
C LEU A 712 5.09 -4.87 -0.09
N LYS A 713 5.31 -6.16 -0.34
CA LYS A 713 4.57 -7.20 0.37
C LYS A 713 5.01 -7.31 1.83
N LYS A 714 6.18 -6.78 2.16
CA LYS A 714 6.72 -6.99 3.50
C LYS A 714 6.31 -5.89 4.46
N ALA A 715 6.32 -4.66 3.97
CA ALA A 715 5.93 -3.51 4.78
C ALA A 715 4.48 -3.66 5.24
N GLU A 716 4.14 -3.02 6.35
CA GLU A 716 2.75 -3.03 6.83
C GLU A 716 1.82 -2.39 5.79
N ILE A 717 2.24 -1.29 5.17
CA ILE A 717 1.50 -0.75 4.04
C ILE A 717 2.36 -0.62 2.79
N GLY A 718 2.12 -1.48 1.81
CA GLY A 718 2.81 -1.42 0.54
C GLY A 718 2.15 -0.38 -0.38
N ILE A 719 2.94 0.56 -0.90
CA ILE A 719 2.42 1.62 -1.77
C ILE A 719 2.95 1.59 -3.20
N ALA A 720 2.07 1.37 -4.16
CA ALA A 720 2.47 1.32 -5.56
C ALA A 720 2.11 2.60 -6.27
N MET A 721 2.83 2.91 -7.34
CA MET A 721 2.51 4.03 -8.22
C MET A 721 1.43 3.63 -9.24
N GLY A 722 0.58 4.59 -9.58
CA GLY A 722 -0.41 4.38 -10.63
C GLY A 722 0.23 3.96 -11.94
N SER A 723 1.37 4.57 -12.30
CA SER A 723 2.06 4.22 -13.55
C SER A 723 3.02 3.04 -13.37
N GLY A 724 2.95 2.40 -12.23
CA GLY A 724 3.78 1.25 -11.92
C GLY A 724 3.35 0.01 -12.64
N THR A 725 4.16 -1.04 -12.52
CA THR A 725 3.85 -2.32 -13.09
C THR A 725 2.52 -2.87 -12.56
N ALA A 726 1.95 -3.84 -13.28
CA ALA A 726 0.78 -4.52 -12.77
C ALA A 726 1.13 -5.29 -11.50
N VAL A 727 2.28 -5.98 -11.50
CA VAL A 727 2.68 -6.82 -10.37
C VAL A 727 2.86 -6.02 -9.08
N ALA A 728 3.55 -4.90 -9.17
CA ALA A 728 3.79 -4.10 -7.98
C ALA A 728 2.49 -3.54 -7.43
N LYS A 729 1.49 -3.36 -8.29
CA LYS A 729 0.19 -2.89 -7.84
C LYS A 729 -0.52 -3.99 -7.06
N THR A 730 -0.38 -5.23 -7.51
CA THR A 730 -1.07 -6.31 -6.84
C THR A 730 -0.34 -6.72 -5.55
N ALA A 731 0.85 -6.18 -5.32
CA ALA A 731 1.64 -6.53 -4.13
C ALA A 731 1.50 -5.44 -3.08
N SER A 732 0.75 -4.42 -3.43
CA SER A 732 0.67 -3.29 -2.54
C SER A 732 -0.71 -3.16 -1.94
N GLU A 733 -0.78 -2.52 -0.77
CA GLU A 733 -2.04 -2.30 -0.10
C GLU A 733 -2.74 -1.06 -0.64
N MET A 734 -1.98 -0.21 -1.33
CA MET A 734 -2.48 1.08 -1.81
C MET A 734 -1.80 1.55 -3.12
N VAL A 735 -2.53 2.25 -3.99
CA VAL A 735 -2.01 2.72 -5.27
C VAL A 735 -2.20 4.22 -5.43
N LEU A 736 -1.14 4.93 -5.82
CA LEU A 736 -1.26 6.39 -6.00
C LEU A 736 -1.56 6.72 -7.46
N ALA A 737 -2.80 7.12 -7.74
CA ALA A 737 -3.22 7.36 -9.11
C ALA A 737 -2.46 8.53 -9.71
N ASP A 738 -1.92 9.37 -8.83
CA ASP A 738 -1.18 10.55 -9.26
C ASP A 738 0.30 10.51 -8.88
N ASP A 739 0.77 9.35 -8.42
CA ASP A 739 2.17 9.08 -8.12
C ASP A 739 2.78 10.06 -7.12
N ASN A 740 1.93 10.77 -6.39
CA ASN A 740 2.32 11.90 -5.57
C ASN A 740 2.36 11.58 -4.07
N PHE A 741 3.42 12.03 -3.40
CA PHE A 741 3.64 11.72 -2.00
C PHE A 741 2.52 12.27 -1.14
N SER A 742 2.13 13.51 -1.44
CA SER A 742 1.10 14.20 -0.68
C SER A 742 -0.19 13.38 -0.51
N THR A 743 -0.42 12.49 -1.46
CA THR A 743 -1.54 11.57 -1.44
C THR A 743 -1.46 10.61 -0.27
N ILE A 744 -0.23 10.15 0.02
CA ILE A 744 0.01 9.26 1.14
C ILE A 744 -0.38 9.90 2.45
N VAL A 745 0.02 11.15 2.64
CA VAL A 745 -0.21 11.87 3.87
C VAL A 745 -1.71 12.11 4.03
N ALA A 746 -2.38 12.37 2.91
CA ALA A 746 -3.83 12.56 2.90
C ALA A 746 -4.57 11.25 3.26
N ALA A 747 -3.95 10.13 2.91
CA ALA A 747 -4.53 8.83 3.20
C ALA A 747 -4.34 8.48 4.66
N VAL A 748 -3.22 8.86 5.24
CA VAL A 748 -3.01 8.63 6.66
C VAL A 748 -4.05 9.42 7.45
N GLU A 749 -4.29 10.67 7.02
CA GLU A 749 -5.27 11.55 7.64
C GLU A 749 -6.67 10.93 7.61
N GLU A 750 -7.11 10.45 6.45
CA GLU A 750 -8.45 9.88 6.33
C GLU A 750 -8.57 8.58 7.10
N GLY A 751 -7.46 7.87 7.21
CA GLY A 751 -7.45 6.59 7.89
C GLY A 751 -7.37 6.74 9.40
N ARG A 752 -7.11 7.94 9.86
CA ARG A 752 -7.15 8.23 11.28
C ARG A 752 -8.52 8.72 11.68
N ALA A 753 -9.20 9.33 10.71
CA ALA A 753 -10.50 9.93 10.90
C ALA A 753 -11.54 8.82 10.86
N ILE A 754 -11.23 7.80 10.07
CA ILE A 754 -12.08 6.64 9.93
C ILE A 754 -12.05 5.78 11.19
N TYR A 755 -10.86 5.46 11.68
CA TYR A 755 -10.76 4.65 12.88
C TYR A 755 -11.30 5.34 14.12
N ASN A 756 -11.24 6.67 14.19
CA ASN A 756 -11.72 7.32 15.39
C ASN A 756 -13.24 7.31 15.48
N ASN A 757 -13.86 7.13 14.33
CA ASN A 757 -15.28 6.90 14.18
C ASN A 757 -15.61 5.44 14.42
N MET A 758 -14.95 4.59 13.65
CA MET A 758 -14.99 3.16 13.85
C MET A 758 -14.75 2.79 15.32
N LYS A 759 -13.83 3.50 15.96
CA LYS A 759 -13.57 3.34 17.39
C LYS A 759 -14.85 3.46 18.20
N GLN A 760 -15.73 4.39 17.83
CA GLN A 760 -16.94 4.64 18.61
C GLN A 760 -18.09 3.66 18.31
N PHE A 761 -18.34 3.32 17.04
CA PHE A 761 -19.43 2.40 16.80
C PHE A 761 -19.06 0.99 17.23
N ILE A 762 -17.76 0.69 17.34
CA ILE A 762 -17.36 -0.61 17.88
C ILE A 762 -17.68 -0.59 19.36
N ARG A 763 -17.41 0.52 20.01
CA ARG A 763 -17.62 0.66 21.43
C ARG A 763 -19.11 0.59 21.68
N TYR A 764 -19.84 1.22 20.78
CA TYR A 764 -21.28 1.33 20.85
C TYR A 764 -22.01 -0.01 20.80
N LEU A 765 -21.74 -0.76 19.74
CA LEU A 765 -22.36 -2.06 19.59
C LEU A 765 -21.97 -3.03 20.70
N ILE A 766 -20.69 -3.06 21.09
CA ILE A 766 -20.25 -4.02 22.10
C ILE A 766 -20.93 -3.77 23.45
N SER A 767 -21.15 -2.50 23.78
CA SER A 767 -21.76 -2.16 25.05
C SER A 767 -23.21 -2.65 25.14
N SER A 768 -23.94 -2.58 24.03
CA SER A 768 -25.30 -3.06 24.00
C SER A 768 -25.35 -4.56 24.30
N ASN A 769 -24.46 -5.30 23.68
CA ASN A 769 -24.32 -6.72 23.96
C ASN A 769 -23.98 -6.94 25.44
N VAL A 770 -23.22 -6.04 26.05
CA VAL A 770 -22.93 -6.17 27.48
C VAL A 770 -24.26 -6.10 28.24
N GLY A 771 -25.08 -5.11 27.90
CA GLY A 771 -26.34 -4.88 28.58
C GLY A 771 -27.31 -6.03 28.37
N GLU A 772 -27.35 -6.53 27.15
CA GLU A 772 -28.25 -7.63 26.84
C GLU A 772 -27.97 -8.84 27.73
N VAL A 773 -26.70 -9.20 27.87
CA VAL A 773 -26.31 -10.38 28.62
C VAL A 773 -26.70 -10.27 30.09
N VAL A 774 -26.78 -9.05 30.63
CA VAL A 774 -27.23 -8.94 32.02
C VAL A 774 -28.75 -9.17 32.12
N CYS A 775 -29.49 -8.64 31.16
CA CYS A 775 -30.93 -8.92 31.02
C CYS A 775 -31.19 -10.42 31.08
N ILE A 776 -30.46 -11.17 30.26
CA ILE A 776 -30.55 -12.62 30.20
C ILE A 776 -30.17 -13.28 31.51
N PHE A 777 -29.08 -12.82 32.11
CA PHE A 777 -28.59 -13.42 33.35
C PHE A 777 -29.59 -13.27 34.49
N LEU A 778 -30.15 -12.07 34.64
CA LEU A 778 -31.18 -11.83 35.64
C LEU A 778 -32.40 -12.73 35.42
N THR A 779 -32.82 -12.80 34.16
CA THR A 779 -33.92 -13.68 33.76
C THR A 779 -33.69 -15.07 34.37
N ALA A 780 -32.48 -15.60 34.23
CA ALA A 780 -32.19 -16.94 34.71
C ALA A 780 -31.92 -17.00 36.22
N ALA A 781 -31.39 -15.91 36.78
CA ALA A 781 -31.01 -15.89 38.19
C ALA A 781 -32.19 -15.55 39.10
N LEU A 782 -33.07 -14.66 38.65
CA LEU A 782 -34.25 -14.30 39.44
C LEU A 782 -35.40 -15.30 39.25
N GLY A 783 -35.36 -16.02 38.13
CA GLY A 783 -36.39 -16.98 37.77
C GLY A 783 -37.54 -16.33 37.05
N LEU A 784 -37.25 -15.64 35.96
CA LEU A 784 -38.26 -14.84 35.28
C LEU A 784 -38.61 -15.38 33.90
N PRO A 785 -39.84 -15.15 33.46
CA PRO A 785 -40.18 -15.56 32.10
C PRO A 785 -39.38 -14.71 31.12
N GLU A 786 -38.86 -15.35 30.07
CA GLU A 786 -38.03 -14.69 29.07
C GLU A 786 -38.49 -13.26 28.76
N ALA A 787 -37.72 -12.29 29.25
CA ALA A 787 -38.03 -10.89 29.00
C ALA A 787 -37.71 -10.51 27.55
N LEU A 788 -36.76 -11.23 26.95
CA LEU A 788 -36.35 -10.98 25.58
C LEU A 788 -36.03 -12.28 24.85
N ILE A 789 -36.86 -12.60 23.86
CA ILE A 789 -36.66 -13.80 23.04
C ILE A 789 -35.53 -13.54 22.04
N PRO A 790 -34.69 -14.56 21.77
CA PRO A 790 -33.55 -14.48 20.83
C PRO A 790 -33.90 -13.89 19.46
N VAL A 791 -35.06 -14.22 18.92
CA VAL A 791 -35.45 -13.69 17.61
C VAL A 791 -35.52 -12.17 17.60
N GLN A 792 -35.90 -11.58 18.73
CA GLN A 792 -35.98 -10.14 18.82
C GLN A 792 -34.59 -9.55 18.89
N LEU A 793 -33.75 -10.13 19.75
CA LEU A 793 -32.38 -9.67 19.89
C LEU A 793 -31.69 -9.62 18.53
N LEU A 794 -31.90 -10.65 17.72
CA LEU A 794 -31.35 -10.65 16.36
C LEU A 794 -31.71 -9.38 15.60
N TRP A 795 -32.98 -9.01 15.62
CA TRP A 795 -33.44 -7.79 14.97
C TRP A 795 -32.67 -6.58 15.47
N VAL A 796 -32.59 -6.45 16.79
CA VAL A 796 -31.94 -5.30 17.42
C VAL A 796 -30.48 -5.13 17.03
N ASN A 797 -29.73 -6.24 16.94
CA ASN A 797 -28.28 -6.18 16.68
C ASN A 797 -27.96 -5.99 15.19
N LEU A 798 -28.84 -6.45 14.31
CA LEU A 798 -28.59 -6.30 12.88
C LEU A 798 -29.16 -5.03 12.28
N VAL A 799 -30.32 -4.59 12.76
CA VAL A 799 -31.03 -3.49 12.13
C VAL A 799 -31.18 -2.27 13.02
N THR A 800 -31.84 -2.43 14.16
CA THR A 800 -32.07 -1.32 15.09
C THR A 800 -30.78 -0.63 15.56
N ASP A 801 -29.80 -1.42 15.98
CA ASP A 801 -28.49 -0.89 16.38
C ASP A 801 -27.58 -0.53 15.19
N GLY A 802 -27.74 -1.28 14.10
CA GLY A 802 -26.87 -1.17 12.96
C GLY A 802 -26.87 0.17 12.24
N LEU A 803 -28.01 0.86 12.29
CA LEU A 803 -28.15 2.13 11.59
C LEU A 803 -27.45 3.30 12.30
N PRO A 804 -27.66 3.48 13.62
CA PRO A 804 -26.85 4.51 14.28
C PRO A 804 -25.35 4.24 14.14
N ALA A 805 -24.96 2.97 14.22
CA ALA A 805 -23.56 2.59 14.16
C ALA A 805 -22.95 3.04 12.84
N THR A 806 -23.67 2.83 11.74
CA THR A 806 -23.26 3.32 10.44
C THR A 806 -23.21 4.86 10.38
N ALA A 807 -24.23 5.52 10.93
CA ALA A 807 -24.20 6.96 10.97
C ALA A 807 -22.97 7.44 11.74
N LEU A 808 -22.55 6.65 12.73
CA LEU A 808 -21.42 7.00 13.59
C LEU A 808 -20.06 6.95 12.87
N GLY A 809 -20.00 6.27 11.73
CA GLY A 809 -18.80 6.30 10.91
C GLY A 809 -18.65 7.65 10.22
N PHE A 810 -19.69 8.48 10.35
CA PHE A 810 -19.71 9.78 9.70
C PHE A 810 -19.65 10.92 10.71
N ASN A 811 -19.12 10.65 11.90
CA ASN A 811 -18.80 11.70 12.84
C ASN A 811 -17.81 12.69 12.25
N PRO A 812 -18.08 13.98 12.44
CA PRO A 812 -17.12 15.02 12.09
C PRO A 812 -15.75 14.66 12.64
N PRO A 813 -14.73 14.86 11.81
CA PRO A 813 -13.34 14.64 12.22
C PRO A 813 -12.92 15.64 13.28
N ASP A 814 -11.95 15.28 14.11
CA ASP A 814 -11.36 16.23 15.05
C ASP A 814 -10.55 17.30 14.30
N LEU A 815 -10.48 18.50 14.85
CA LEU A 815 -9.70 19.55 14.21
C LEU A 815 -8.20 19.20 14.31
N ASP A 816 -7.83 18.51 15.38
CA ASP A 816 -6.43 18.15 15.68
C ASP A 816 -6.05 16.70 15.32
N ILE A 817 -6.78 16.07 14.40
CA ILE A 817 -6.45 14.72 13.94
C ILE A 817 -4.96 14.53 13.70
N MET A 818 -4.35 15.52 13.07
CA MET A 818 -2.99 15.36 12.61
C MET A 818 -1.98 16.08 13.48
N ASP A 819 -2.43 16.58 14.63
CA ASP A 819 -1.54 17.23 15.56
C ASP A 819 -1.19 16.30 16.72
N ARG A 820 -1.57 15.04 16.59
CA ARG A 820 -1.30 14.01 17.60
C ARG A 820 -0.37 12.95 17.01
N PRO A 821 0.41 12.27 17.87
CA PRO A 821 1.31 11.20 17.39
C PRO A 821 0.57 9.99 16.84
N PRO A 822 1.26 9.09 16.12
CA PRO A 822 0.53 7.91 15.65
C PRO A 822 0.01 7.04 16.80
N ARG A 823 -1.11 6.36 16.62
CA ARG A 823 -1.70 5.53 17.67
C ARG A 823 -1.01 4.19 17.86
N SER A 824 -0.70 3.82 19.10
CA SER A 824 -0.13 2.49 19.36
C SER A 824 -1.10 1.41 18.91
N PRO A 825 -0.60 0.41 18.15
CA PRO A 825 -1.51 -0.65 17.72
C PRO A 825 -1.98 -1.53 18.88
N LYS A 826 -1.21 -1.52 19.97
CA LYS A 826 -1.46 -2.36 21.12
C LYS A 826 -2.44 -1.67 22.08
N GLU A 827 -3.16 -0.69 21.55
CA GLU A 827 -4.11 0.10 22.33
C GLU A 827 -5.45 -0.59 22.43
N PRO A 828 -5.94 -0.79 23.66
CA PRO A 828 -7.23 -1.44 23.84
C PRO A 828 -8.37 -0.49 23.52
N LEU A 829 -9.48 -1.05 23.01
CA LEU A 829 -10.65 -0.26 22.69
C LEU A 829 -11.36 0.22 23.96
N ILE A 830 -11.43 -0.67 24.97
CA ILE A 830 -12.10 -0.38 26.24
C ILE A 830 -11.25 -0.88 27.43
N SER A 831 -10.92 0.01 28.36
CA SER A 831 -9.96 -0.35 29.40
C SER A 831 -10.07 0.55 30.61
N GLY A 832 -9.37 0.16 31.68
CA GLY A 832 -9.28 0.98 32.88
C GLY A 832 -10.61 1.57 33.26
N TRP A 833 -10.69 2.89 33.26
CA TRP A 833 -11.90 3.59 33.70
C TRP A 833 -13.07 3.41 32.73
N LEU A 834 -12.81 3.31 31.44
CA LEU A 834 -13.90 3.25 30.49
C LEU A 834 -14.56 1.88 30.51
N PHE A 835 -13.80 0.87 30.93
CA PHE A 835 -14.30 -0.47 31.14
C PHE A 835 -15.27 -0.45 32.33
N PHE A 836 -14.86 0.20 33.43
CA PHE A 836 -15.74 0.34 34.57
C PHE A 836 -17.02 1.08 34.20
N ARG A 837 -16.95 1.91 33.17
CA ARG A 837 -18.10 2.72 32.78
C ARG A 837 -19.13 1.96 31.97
N TYR A 838 -18.69 1.08 31.09
CA TYR A 838 -19.61 0.26 30.30
C TYR A 838 -20.11 -0.89 31.13
N MET A 839 -19.36 -1.21 32.18
CA MET A 839 -19.76 -2.19 33.15
C MET A 839 -20.98 -1.62 33.87
N ALA A 840 -20.99 -0.32 34.15
CA ALA A 840 -22.14 0.28 34.84
C ALA A 840 -23.35 0.48 33.90
N ILE A 841 -23.11 0.75 32.63
CA ILE A 841 -24.20 1.06 31.70
C ILE A 841 -24.88 -0.22 31.20
N GLY A 842 -24.10 -1.26 30.97
CA GLY A 842 -24.67 -2.56 30.68
C GLY A 842 -25.45 -3.02 31.90
N GLY A 843 -24.91 -2.73 33.07
CA GLY A 843 -25.59 -2.98 34.33
C GLY A 843 -26.98 -2.38 34.34
N TYR A 844 -27.07 -1.11 33.96
CA TYR A 844 -28.36 -0.43 33.83
C TYR A 844 -29.29 -1.20 32.93
N VAL A 845 -28.94 -1.24 31.64
CA VAL A 845 -29.74 -1.86 30.58
C VAL A 845 -30.30 -3.23 30.91
N GLY A 846 -29.49 -4.07 31.55
CA GLY A 846 -29.95 -5.40 31.91
C GLY A 846 -31.03 -5.39 32.97
N ALA A 847 -31.03 -4.33 33.78
CA ALA A 847 -32.03 -4.17 34.82
C ALA A 847 -33.30 -3.51 34.27
N ALA A 848 -33.12 -2.52 33.42
CA ALA A 848 -34.25 -1.78 32.87
C ALA A 848 -35.09 -2.64 31.93
N THR A 849 -34.42 -3.56 31.24
CA THR A 849 -35.13 -4.39 30.27
C THR A 849 -36.04 -5.42 30.94
N VAL A 850 -35.55 -6.09 31.98
CA VAL A 850 -36.34 -7.11 32.66
C VAL A 850 -37.39 -6.43 33.55
N GLY A 851 -37.06 -5.24 34.05
CA GLY A 851 -37.98 -4.46 34.86
C GLY A 851 -39.15 -3.93 34.06
N ALA A 852 -39.00 -3.86 32.75
CA ALA A 852 -40.09 -3.49 31.87
C ALA A 852 -41.06 -4.65 31.71
N ALA A 853 -40.53 -5.88 31.69
CA ALA A 853 -41.35 -7.07 31.69
C ALA A 853 -41.99 -7.26 33.08
N ALA A 854 -41.17 -7.09 34.11
CA ALA A 854 -41.59 -7.26 35.51
C ALA A 854 -42.67 -6.25 35.89
N TRP A 855 -42.45 -5.01 35.48
CA TRP A 855 -43.44 -3.97 35.72
C TRP A 855 -44.78 -4.38 35.12
N TRP A 856 -44.79 -4.77 33.84
CA TRP A 856 -46.03 -5.15 33.19
C TRP A 856 -46.68 -6.35 33.90
N PHE A 857 -45.85 -7.23 34.46
CA PHE A 857 -46.37 -8.36 35.22
C PHE A 857 -46.86 -7.90 36.60
N MET A 858 -46.02 -7.20 37.36
CA MET A 858 -46.33 -6.89 38.76
C MET A 858 -47.17 -5.63 38.98
N TYR A 859 -46.56 -4.44 38.86
CA TYR A 859 -47.18 -3.19 39.27
C TYR A 859 -48.04 -2.50 38.20
N ALA A 860 -48.28 -3.17 37.08
CA ALA A 860 -48.95 -2.52 35.95
C ALA A 860 -50.43 -2.82 35.92
N GLU A 861 -51.15 -2.14 35.03
CA GLU A 861 -52.61 -2.19 34.99
C GLU A 861 -53.17 -3.34 34.14
N ASP A 862 -52.42 -3.78 33.15
CA ASP A 862 -52.90 -4.78 32.19
C ASP A 862 -52.57 -6.22 32.57
N GLY A 863 -52.00 -6.45 33.74
CA GLY A 863 -51.74 -7.81 34.20
C GLY A 863 -51.48 -7.89 35.69
N PRO A 864 -52.29 -8.69 36.41
CA PRO A 864 -52.00 -8.99 37.81
C PRO A 864 -50.73 -9.82 37.90
N GLY A 865 -49.96 -9.63 38.96
CA GLY A 865 -48.71 -10.35 39.11
C GLY A 865 -48.30 -10.31 40.56
N VAL A 866 -47.72 -11.40 41.05
CA VAL A 866 -47.50 -11.52 42.48
C VAL A 866 -46.50 -10.47 42.93
N THR A 867 -47.04 -9.38 43.51
CA THR A 867 -46.25 -8.32 44.14
C THR A 867 -45.35 -8.91 45.23
N TYR A 868 -45.73 -10.09 45.72
CA TYR A 868 -44.90 -10.89 46.62
C TYR A 868 -43.76 -11.58 45.84
N HIS A 869 -43.62 -11.22 44.56
CA HIS A 869 -42.49 -11.65 43.72
C HIS A 869 -42.61 -13.12 43.31
N GLN A 870 -43.70 -13.76 43.72
CA GLN A 870 -43.86 -15.20 43.53
C GLN A 870 -44.13 -15.56 42.07
N LEU A 871 -44.39 -14.55 41.23
CA LEU A 871 -44.38 -14.72 39.78
C LEU A 871 -43.21 -15.61 39.33
N THR A 872 -42.04 -15.35 39.92
CA THR A 872 -40.84 -16.19 39.81
C THR A 872 -41.06 -17.65 39.45
N HIS A 873 -41.95 -18.29 40.19
CA HIS A 873 -42.22 -19.71 40.02
C HIS A 873 -43.35 -19.93 39.01
N PHE A 874 -43.22 -19.29 37.85
CA PHE A 874 -44.23 -19.36 36.80
C PHE A 874 -44.28 -20.72 36.09
N MET A 875 -43.16 -21.45 36.12
CA MET A 875 -43.12 -22.75 35.46
C MET A 875 -43.98 -23.77 36.20
N GLN A 876 -44.19 -23.51 37.49
CA GLN A 876 -45.03 -24.38 38.32
C GLN A 876 -46.41 -23.77 38.57
N CYS A 877 -46.97 -23.14 37.55
CA CYS A 877 -48.28 -22.54 37.68
C CYS A 877 -49.37 -23.50 37.21
N THR A 878 -49.03 -24.34 36.23
CA THR A 878 -49.98 -25.26 35.64
C THR A 878 -50.39 -26.41 36.59
N GLU A 879 -49.81 -26.42 37.78
CA GLU A 879 -50.14 -27.44 38.78
C GLU A 879 -50.43 -26.85 40.17
N ASP A 880 -49.69 -25.83 40.57
CA ASP A 880 -49.81 -25.25 41.91
C ASP A 880 -50.74 -24.04 41.98
N HIS A 881 -51.91 -24.14 41.35
CA HIS A 881 -52.96 -23.14 41.46
C HIS A 881 -53.20 -22.64 42.89
N PRO A 882 -53.19 -23.54 43.90
CA PRO A 882 -53.35 -23.02 45.26
C PRO A 882 -52.26 -22.03 45.71
N HIS A 883 -51.00 -22.43 45.63
CA HIS A 883 -49.90 -21.69 46.24
C HIS A 883 -49.82 -20.24 45.76
N PHE A 884 -50.68 -19.40 46.31
CA PHE A 884 -50.71 -17.97 45.99
C PHE A 884 -50.74 -17.73 44.49
N GLU A 885 -51.62 -18.46 43.80
CA GLU A 885 -51.75 -18.36 42.35
C GLU A 885 -53.16 -18.68 41.88
N GLY A 886 -54.15 -17.94 42.39
CA GLY A 886 -55.54 -18.19 42.01
C GLY A 886 -55.95 -17.69 40.63
N LEU A 887 -54.97 -17.50 39.73
CA LEU A 887 -55.24 -16.94 38.40
C LEU A 887 -54.65 -17.78 37.24
N ASP A 888 -54.60 -17.18 36.04
CA ASP A 888 -54.21 -17.87 34.80
C ASP A 888 -52.74 -18.28 34.77
N CYS A 889 -52.29 -18.83 33.64
CA CYS A 889 -50.96 -19.43 33.53
C CYS A 889 -50.26 -19.20 32.18
N GLU A 890 -51.00 -19.10 31.09
CA GLU A 890 -50.37 -18.91 29.79
C GLU A 890 -49.92 -17.45 29.62
N ILE A 891 -50.34 -16.61 30.55
CA ILE A 891 -50.00 -15.19 30.56
C ILE A 891 -48.47 -14.96 30.65
N PHE A 892 -47.74 -15.94 31.15
CA PHE A 892 -46.29 -15.84 31.29
C PHE A 892 -45.59 -16.08 29.96
N GLU A 893 -46.38 -16.21 28.90
CA GLU A 893 -45.83 -16.29 27.56
C GLU A 893 -46.46 -15.18 26.72
N ALA A 894 -46.96 -14.17 27.42
CA ALA A 894 -47.60 -13.03 26.78
C ALA A 894 -46.61 -12.23 25.96
N PRO A 895 -47.08 -11.66 24.84
CA PRO A 895 -46.28 -10.77 23.99
C PRO A 895 -46.06 -9.39 24.62
N GLU A 896 -47.11 -8.87 25.25
CA GLU A 896 -47.11 -7.53 25.84
C GLU A 896 -45.93 -7.20 26.77
N PRO A 897 -45.59 -8.08 27.73
CA PRO A 897 -44.46 -7.67 28.58
C PRO A 897 -43.11 -7.78 27.86
N MET A 898 -43.06 -8.56 26.78
CA MET A 898 -41.82 -8.69 26.02
C MET A 898 -41.58 -7.44 25.19
N THR A 899 -42.63 -6.91 24.57
CA THR A 899 -42.50 -5.69 23.78
C THR A 899 -42.16 -4.52 24.68
N MET A 900 -42.61 -4.61 25.93
CA MET A 900 -42.20 -3.63 26.94
C MET A 900 -40.68 -3.64 27.12
N ALA A 901 -40.11 -4.83 27.33
CA ALA A 901 -38.66 -5.02 27.37
C ALA A 901 -37.99 -4.51 26.11
N LEU A 902 -38.43 -5.03 24.97
CA LEU A 902 -37.87 -4.69 23.67
C LEU A 902 -37.94 -3.20 23.36
N SER A 903 -39.07 -2.57 23.64
CA SER A 903 -39.20 -1.12 23.43
C SER A 903 -38.21 -0.37 24.31
N VAL A 904 -38.06 -0.83 25.55
CA VAL A 904 -37.11 -0.22 26.48
C VAL A 904 -35.69 -0.39 25.95
N LEU A 905 -35.41 -1.52 25.33
CA LEU A 905 -34.11 -1.76 24.73
C LEU A 905 -33.85 -0.86 23.53
N VAL A 906 -34.78 -0.84 22.58
CA VAL A 906 -34.65 -0.01 21.40
C VAL A 906 -34.55 1.46 21.73
N THR A 907 -35.30 1.93 22.71
CA THR A 907 -35.26 3.34 23.07
C THR A 907 -33.96 3.65 23.79
N ILE A 908 -33.48 2.70 24.60
CA ILE A 908 -32.27 2.91 25.36
C ILE A 908 -31.09 3.02 24.41
N GLU A 909 -31.11 2.24 23.33
CA GLU A 909 -29.99 2.16 22.42
C GLU A 909 -29.84 3.40 21.52
N MET A 910 -30.91 4.16 21.32
CA MET A 910 -30.81 5.39 20.55
C MET A 910 -30.16 6.46 21.40
N CYS A 911 -30.51 6.46 22.68
CA CYS A 911 -29.87 7.32 23.65
C CYS A 911 -28.38 7.01 23.76
N ASN A 912 -28.04 5.74 23.79
CA ASN A 912 -26.64 5.42 24.00
C ASN A 912 -25.83 5.77 22.76
N ALA A 913 -26.47 5.76 21.59
CA ALA A 913 -25.81 6.18 20.36
C ALA A 913 -25.42 7.64 20.43
N LEU A 914 -26.25 8.45 21.08
CA LEU A 914 -25.94 9.86 21.26
C LEU A 914 -24.78 10.07 22.23
N ASN A 915 -24.78 9.31 23.33
CA ASN A 915 -23.67 9.38 24.29
C ASN A 915 -22.34 8.96 23.64
N SER A 916 -22.46 8.28 22.51
CA SER A 916 -21.33 7.68 21.80
C SER A 916 -20.71 8.60 20.71
N LEU A 917 -21.31 9.77 20.48
CA LEU A 917 -20.75 10.79 19.60
C LEU A 917 -19.39 11.26 20.09
N SER A 918 -19.19 11.16 21.40
CA SER A 918 -17.93 11.53 22.02
C SER A 918 -17.65 10.70 23.26
N GLU A 919 -16.41 10.22 23.36
CA GLU A 919 -15.93 9.47 24.52
C GLU A 919 -16.10 10.18 25.88
N ASN A 920 -15.77 11.47 25.95
CA ASN A 920 -15.76 12.16 27.24
C ASN A 920 -16.42 13.53 27.23
N GLN A 921 -16.89 13.99 26.07
CA GLN A 921 -17.50 15.32 26.00
C GLN A 921 -19.02 15.30 26.14
N SER A 922 -19.53 16.20 26.98
CA SER A 922 -20.96 16.32 27.21
C SER A 922 -21.72 16.72 25.96
N LEU A 923 -23.03 16.58 25.99
CA LEU A 923 -23.86 17.03 24.88
C LEU A 923 -24.22 18.51 24.99
N MET A 924 -23.91 19.12 26.14
CA MET A 924 -24.03 20.57 26.32
C MET A 924 -22.75 21.28 25.82
N ARG A 925 -21.72 20.50 25.52
CA ARG A 925 -20.50 21.03 24.93
C ARG A 925 -20.42 20.56 23.49
N MET A 926 -21.08 19.45 23.20
CA MET A 926 -21.10 18.86 21.86
C MET A 926 -22.49 18.36 21.47
N PRO A 927 -23.27 19.24 20.82
CA PRO A 927 -24.68 19.04 20.48
C PRO A 927 -24.91 17.72 19.76
N PRO A 928 -26.14 17.19 19.79
CA PRO A 928 -26.42 15.99 18.99
C PRO A 928 -26.52 16.28 17.50
N TRP A 929 -26.74 17.55 17.13
CA TRP A 929 -26.96 17.88 15.74
C TRP A 929 -25.68 18.27 15.01
N VAL A 930 -24.57 17.65 15.40
CA VAL A 930 -23.31 17.79 14.67
C VAL A 930 -23.24 16.72 13.58
N ASN A 931 -23.69 15.54 13.95
CA ASN A 931 -23.88 14.43 13.03
C ASN A 931 -25.32 14.41 12.57
N ILE A 932 -25.62 15.09 11.46
CA ILE A 932 -27.00 15.17 10.99
C ILE A 932 -27.47 13.83 10.44
N TRP A 933 -26.53 13.06 9.87
CA TRP A 933 -26.85 11.76 9.31
C TRP A 933 -27.27 10.78 10.43
N LEU A 934 -26.89 11.07 11.67
CA LEU A 934 -27.22 10.18 12.80
C LEU A 934 -28.54 10.56 13.49
N LEU A 935 -28.85 11.85 13.57
CA LEU A 935 -30.17 12.26 14.02
C LEU A 935 -31.14 11.56 13.07
N GLY A 936 -30.93 11.74 11.78
CA GLY A 936 -31.73 11.07 10.75
C GLY A 936 -31.95 9.56 10.87
N SER A 937 -30.91 8.79 11.17
CA SER A 937 -31.07 7.34 11.17
C SER A 937 -31.81 6.83 12.41
N ILE A 938 -31.75 7.58 13.51
CA ILE A 938 -32.51 7.20 14.71
C ILE A 938 -34.01 7.19 14.41
N CYS A 939 -34.45 8.16 13.62
CA CYS A 939 -35.85 8.27 13.26
C CYS A 939 -36.29 7.04 12.48
N LEU A 940 -35.37 6.48 11.70
CA LEU A 940 -35.65 5.31 10.86
C LEU A 940 -35.94 4.02 11.64
N SER A 941 -35.06 3.69 12.58
CA SER A 941 -35.23 2.47 13.37
C SER A 941 -36.51 2.47 14.20
N MET A 942 -36.87 3.65 14.71
CA MET A 942 -38.08 3.78 15.52
C MET A 942 -39.30 3.39 14.70
N SER A 943 -39.29 3.81 13.43
CA SER A 943 -40.33 3.42 12.50
C SER A 943 -40.45 1.91 12.39
N LEU A 944 -39.30 1.25 12.28
CA LEU A 944 -39.24 -0.20 12.12
C LEU A 944 -39.69 -0.90 13.40
N HIS A 945 -39.41 -0.29 14.53
CA HIS A 945 -39.97 -0.77 15.77
C HIS A 945 -41.49 -0.71 15.63
N PHE A 946 -41.98 0.46 15.24
CA PHE A 946 -43.41 0.66 15.02
C PHE A 946 -43.92 -0.22 13.88
N LEU A 947 -43.03 -0.57 12.96
CA LEU A 947 -43.41 -1.48 11.88
C LEU A 947 -43.70 -2.90 12.35
N ILE A 948 -42.80 -3.48 13.13
CA ILE A 948 -42.99 -4.83 13.64
C ILE A 948 -43.97 -4.89 14.82
N LEU A 949 -44.39 -3.72 15.30
CA LEU A 949 -45.43 -3.66 16.33
C LEU A 949 -46.85 -3.57 15.77
N TYR A 950 -46.98 -3.34 14.46
CA TYR A 950 -48.29 -2.98 13.91
C TYR A 950 -48.71 -3.74 12.67
N VAL A 951 -47.75 -4.13 11.83
CA VAL A 951 -48.08 -4.76 10.55
C VAL A 951 -48.32 -6.25 10.68
N ASP A 952 -49.59 -6.63 10.53
CA ASP A 952 -50.14 -7.92 10.96
C ASP A 952 -49.28 -9.19 10.81
N PRO A 953 -48.51 -9.32 9.72
CA PRO A 953 -47.71 -10.56 9.74
C PRO A 953 -46.59 -10.57 10.80
N LEU A 954 -45.97 -9.42 11.05
CA LEU A 954 -44.74 -9.33 11.86
C LEU A 954 -44.84 -9.48 13.39
N PRO A 955 -45.90 -8.95 14.04
CA PRO A 955 -45.94 -9.13 15.49
C PRO A 955 -45.96 -10.59 15.96
N MET A 956 -46.69 -11.47 15.27
CA MET A 956 -46.73 -12.88 15.63
C MET A 956 -45.34 -13.50 15.47
N ILE A 957 -44.65 -13.07 14.42
CA ILE A 957 -43.28 -13.49 14.17
C ILE A 957 -42.36 -13.15 15.33
N PHE A 958 -42.58 -11.98 15.93
CA PHE A 958 -41.69 -11.50 16.98
C PHE A 958 -42.21 -11.76 18.38
N LYS A 959 -43.38 -12.38 18.46
CA LYS A 959 -44.08 -12.55 19.72
C LYS A 959 -44.21 -11.15 20.35
N LEU A 960 -44.71 -10.21 19.54
CA LEU A 960 -44.86 -8.81 19.94
C LEU A 960 -46.34 -8.36 19.97
N LYS A 961 -46.56 -7.11 20.39
CA LYS A 961 -47.91 -6.55 20.54
C LYS A 961 -47.89 -5.06 20.86
N ALA A 962 -48.35 -4.24 19.92
CA ALA A 962 -48.39 -2.78 20.04
C ALA A 962 -48.83 -2.29 21.41
N LEU A 963 -48.15 -1.27 21.93
CA LEU A 963 -48.54 -0.73 23.25
C LEU A 963 -49.01 0.73 23.19
N ASP A 964 -49.99 1.04 24.04
CA ASP A 964 -50.71 2.32 23.99
C ASP A 964 -49.93 3.49 24.56
N LEU A 965 -50.53 4.68 24.49
CA LEU A 965 -49.87 5.93 24.86
C LEU A 965 -49.31 5.88 26.27
N THR A 966 -50.02 5.20 27.17
CA THR A 966 -49.62 5.17 28.56
C THR A 966 -48.44 4.22 28.77
N GLN A 967 -48.26 3.28 27.85
CA GLN A 967 -47.18 2.32 27.98
C GLN A 967 -45.91 2.86 27.34
N TRP A 968 -46.05 3.77 26.39
CA TRP A 968 -44.90 4.44 25.82
C TRP A 968 -44.33 5.43 26.82
N LEU A 969 -45.22 6.05 27.60
CA LEU A 969 -44.78 7.04 28.59
C LEU A 969 -43.97 6.37 29.69
N MET A 970 -44.29 5.12 30.01
CA MET A 970 -43.47 4.39 30.96
C MET A 970 -42.16 4.02 30.30
N VAL A 971 -42.25 3.61 29.04
CA VAL A 971 -41.07 3.20 28.29
C VAL A 971 -40.04 4.34 28.24
N LEU A 972 -40.52 5.57 28.04
CA LEU A 972 -39.65 6.73 28.04
C LEU A 972 -39.09 7.02 29.43
N LYS A 973 -39.99 7.02 30.42
CA LYS A 973 -39.65 7.15 31.84
C LYS A 973 -38.49 6.20 32.19
N ILE A 974 -38.61 4.96 31.76
CA ILE A 974 -37.59 3.97 32.06
C ILE A 974 -36.29 4.23 31.29
N SER A 975 -36.41 4.60 30.01
CA SER A 975 -35.23 4.62 29.16
C SER A 975 -34.52 5.97 29.07
N LEU A 976 -35.25 7.09 29.08
CA LEU A 976 -34.59 8.41 28.94
C LEU A 976 -33.44 8.71 29.92
N PRO A 977 -33.48 8.16 31.15
CA PRO A 977 -32.38 8.51 32.05
C PRO A 977 -30.97 8.03 31.69
N VAL A 978 -30.77 7.17 30.70
CA VAL A 978 -29.41 6.70 30.35
C VAL A 978 -28.49 7.84 29.95
N ILE A 979 -29.08 8.85 29.31
CA ILE A 979 -28.37 10.08 28.96
C ILE A 979 -27.76 10.71 30.22
N GLY A 980 -28.58 10.91 31.24
CA GLY A 980 -28.12 11.50 32.48
C GLY A 980 -27.05 10.69 33.18
N LEU A 981 -27.09 9.38 33.00
CA LEU A 981 -26.13 8.50 33.64
C LEU A 981 -24.72 8.65 33.04
N ASP A 982 -24.63 8.77 31.73
CA ASP A 982 -23.34 8.87 31.09
C ASP A 982 -22.76 10.26 31.30
N GLU A 983 -23.63 11.27 31.28
CA GLU A 983 -23.20 12.65 31.42
C GLU A 983 -22.47 12.86 32.74
N ILE A 984 -22.79 12.02 33.71
CA ILE A 984 -22.14 12.07 35.02
C ILE A 984 -20.79 11.36 35.01
N LEU A 985 -20.76 10.15 34.46
CA LEU A 985 -19.53 9.38 34.39
C LEU A 985 -18.53 10.08 33.46
N LYS A 986 -19.05 10.83 32.49
CA LYS A 986 -18.20 11.65 31.62
C LYS A 986 -17.61 12.79 32.44
N PHE A 987 -18.46 13.42 33.25
CA PHE A 987 -18.05 14.49 34.13
C PHE A 987 -16.89 14.06 35.02
N ILE A 988 -16.92 12.81 35.49
CA ILE A 988 -15.86 12.29 36.33
C ILE A 988 -14.55 12.16 35.56
N ALA A 989 -14.66 11.65 34.34
CA ALA A 989 -13.49 11.35 33.51
C ALA A 989 -12.57 12.54 33.34
N ARG A 990 -13.15 13.71 33.06
CA ARG A 990 -12.35 14.87 32.74
C ARG A 990 -11.91 15.63 33.96
N ASN A 991 -12.77 15.61 34.98
CA ASN A 991 -12.60 16.51 36.09
C ASN A 991 -11.86 15.89 37.27
N TYR A 992 -11.79 14.56 37.36
CA TYR A 992 -11.27 13.95 38.59
C TYR A 992 -10.28 12.80 38.44
N LEU A 993 -10.29 12.10 37.31
CA LEU A 993 -9.30 11.05 37.11
C LEU A 993 -8.09 11.64 36.39
N GLU A 994 -7.53 10.90 35.44
CA GLU A 994 -6.31 11.29 34.76
C GLU A 994 -6.56 11.76 33.34
N GLY A 995 -6.80 13.07 33.19
CA GLY A 995 -7.13 13.66 31.91
C GLY A 995 -8.05 14.86 32.06
C34 TG1 B . -10.20 -5.57 25.85
C11 TG1 B . -11.38 -6.53 25.70
C7 TG1 B . -12.67 -6.18 26.54
C8 TG1 B . -13.49 -4.97 26.11
C9 TG1 B . -14.59 -4.54 27.10
C10 TG1 B . -15.67 -5.51 27.66
C1 TG1 B . -15.17 -6.74 28.43
C2 TG1 B . -16.38 -7.44 29.07
O1 TG1 B . -16.14 -7.70 30.45
C13 TG1 B . -17.23 -7.56 31.29
O2 TG1 B . -18.13 -6.82 30.96
C14 TG1 B . -17.14 -8.34 32.58
C15 TG1 B . -18.13 -9.52 32.66
C16 TG1 B . -19.53 -9.19 33.19
C17 TG1 B . -20.28 -10.47 33.63
C18 TG1 B . -21.66 -10.70 33.02
C19 TG1 B . -22.75 -11.10 34.02
C20 TG1 B . -23.09 -9.98 34.99
C3 TG1 B . -16.58 -8.83 28.38
O3 TG1 B . -17.71 -8.71 27.55
C21 TG1 B . -18.78 -9.53 27.86
O4 TG1 B . -18.53 -10.67 28.12
C22 TG1 B . -20.14 -8.98 27.49
C23 TG1 B . -21.20 -9.70 28.34
C24 TG1 B . -20.56 -9.11 26.02
C25 TG1 B . -19.64 -8.52 24.98
C4 TG1 B . -15.27 -9.08 27.59
C26 TG1 B . -15.55 -9.70 26.23
C5 TG1 B . -14.35 -7.84 27.72
C6 TG1 B . -13.45 -7.53 26.51
O5 TG1 B . -12.40 -8.50 26.53
C12 TG1 B . -11.12 -7.91 26.39
O12 TG1 B . -10.37 -8.79 25.61
C31 TG1 B . -16.72 -5.81 26.59
O9 TG1 B . -16.45 -4.76 28.58
C32 TG1 B . -16.92 -3.49 28.57
O10 TG1 B . -17.38 -2.96 27.59
C33 TG1 B . -17.15 -3.12 30.01
O7 TG1 B . -13.99 -5.19 24.82
C27 TG1 B . -13.42 -4.47 23.79
O8 TG1 B . -12.34 -3.94 23.95
C28 TG1 B . -14.06 -4.80 22.47
C29 TG1 B . -13.03 -5.15 21.41
C30 TG1 B . -13.11 -4.12 20.29
O6 TG1 B . -12.20 -5.97 27.84
O11 TG1 B . -11.74 -6.66 24.36
C1 PCW C . -17.98 -9.48 5.87
C2 PCW C . -19.22 -8.89 6.55
C3 PCW C . -20.29 -8.62 5.51
C4 PCW C . -14.26 -7.85 7.52
C5 PCW C . -13.66 -7.15 8.77
C6 PCW C . -12.52 -5.72 7.33
C7 PCW C . -11.45 -7.64 8.18
C8 PCW C . -11.86 -5.81 9.56
C11 PCW C . -20.91 -6.81 4.08
C12 PCW C . -22.26 -6.05 3.94
C31 PCW C . -20.89 -10.53 7.44
C32 PCW C . -22.13 -10.31 8.35
N PCW C . -12.37 -6.57 8.46
O2 PCW C . -19.69 -9.71 7.63
O3 PCW C . -20.44 -7.21 5.37
O11 PCW C . -20.26 -7.06 3.10
O31 PCW C . -20.91 -11.40 6.59
O1P PCW C . -15.05 -11.29 7.58
O2P PCW C . -15.06 -9.85 5.57
O3P PCW C . -17.23 -10.25 6.83
O4P PCW C . -15.32 -8.77 7.91
P PCW C . -15.64 -10.05 6.95
C1 PCW D . -20.35 20.71 31.27
C2 PCW D . -21.80 21.14 31.48
C3 PCW D . -22.11 22.24 30.48
C4 PCW D . -17.82 23.08 30.70
C5 PCW D . -17.51 23.33 29.20
C6 PCW D . -19.61 24.07 28.43
C7 PCW D . -18.22 25.57 29.56
C8 PCW D . -17.67 24.86 27.41
C11 PCW D . -23.34 24.29 30.15
C12 PCW D . -24.10 25.53 30.69
C31 PCW D . -22.80 19.04 32.31
C32 PCW D . -24.14 18.25 32.49
C33 PCW D . -24.04 17.07 33.51
N PCW D . -18.25 24.46 28.66
O2 PCW D . -22.69 20.04 31.25
O3 PCW D . -22.98 23.23 31.05
O11 PCW D . -23.06 24.23 28.97
O31 PCW D . -21.88 18.81 33.07
O1P PCW D . -17.25 19.83 32.79
O2P PCW D . -17.70 22.13 33.53
O3P PCW D . -19.62 20.78 32.54
O4P PCW D . -17.68 21.66 31.00
P PCW D . -18.04 21.09 32.48
C1 PCW E . -29.94 -18.79 47.80
C2 PCW E . -28.53 -19.36 47.97
C3 PCW E . -28.03 -20.04 46.70
C4 PCW E . -33.73 -18.66 44.40
C5 PCW E . -33.33 -19.04 42.96
C6 PCW E . -35.56 -19.37 42.28
C7 PCW E . -33.94 -18.96 40.68
C8 PCW E . -34.60 -17.24 42.13
C11 PCW E . -26.20 -19.14 45.36
C12 PCW E . -25.38 -20.46 45.56
C13 PCW E . -23.86 -20.23 45.58
C31 PCW E . -26.59 -18.75 49.30
C32 PCW E . -25.49 -17.75 49.77
C33 PCW E . -25.28 -16.60 48.75
N PCW E . -34.35 -18.65 42.01
O2 PCW E . -27.62 -18.33 48.38
O3 PCW E . -27.59 -19.09 45.72
O11 PCW E . -25.67 -18.15 44.92
O31 PCW E . -26.57 -19.90 49.73
O1P PCW E . -32.24 -17.26 47.02
O2P PCW E . -31.23 -17.11 44.77
O3P PCW E . -30.31 -18.83 46.40
O4P PCW E . -32.71 -19.13 45.31
P PCW E . -31.63 -18.05 45.89
C1 GOL F . 26.58 12.70 -9.11
O1 GOL F . 26.48 12.94 -10.50
C2 GOL F . 28.02 12.54 -8.71
O2 GOL F . 28.85 12.85 -9.81
C3 GOL F . 28.35 11.14 -8.22
O3 GOL F . 28.01 10.23 -9.25
C1 GOL G . 11.53 3.77 -9.85
O1 GOL G . 11.12 3.63 -11.19
C2 GOL G . 11.40 5.22 -9.42
O2 GOL G . 11.99 6.07 -10.39
C3 GOL G . 12.14 5.49 -8.11
O3 GOL G . 12.14 6.89 -7.94
PG ACP H . 17.48 7.18 -10.11
O1G ACP H . 16.33 7.84 -10.97
O2G ACP H . 17.30 8.14 -8.85
O3G ACP H . 17.21 5.82 -9.61
PB ACP H . 19.54 7.79 -12.30
O1B ACP H . 19.79 9.34 -12.42
O2B ACP H . 18.74 7.28 -13.43
C3B ACP H . 18.99 7.31 -10.79
PA ACP H . 22.45 7.00 -12.93
O1A ACP H . 22.30 7.62 -14.36
O2A ACP H . 22.92 5.61 -12.89
O3A ACP H . 21.02 7.21 -12.34
O5' ACP H . 23.37 8.18 -12.34
C5' ACP H . 24.77 8.13 -12.34
C4' ACP H . 25.37 9.41 -12.98
O4' ACP H . 25.22 9.27 -14.37
C3' ACP H . 24.59 10.68 -12.59
O3' ACP H . 25.23 11.26 -11.51
C2' ACP H . 24.74 11.55 -13.87
O2' ACP H . 25.74 12.52 -13.76
C1' ACP H . 25.12 10.52 -14.98
N9 ACP H . 24.11 10.47 -16.06
C8 ACP H . 22.69 10.38 -16.05
N7 ACP H . 22.13 10.35 -17.28
C5 ACP H . 23.24 10.41 -18.14
C6 ACP H . 23.34 10.40 -19.56
N6 ACP H . 22.23 10.33 -20.33
N1 ACP H . 24.58 10.46 -20.15
C2 ACP H . 25.67 10.52 -19.32
N3 ACP H . 25.72 10.54 -17.97
C4 ACP H . 24.46 10.47 -17.41
K K I . 2.36 -5.50 2.68
MG MG J . 19.04 9.01 -14.41
#